data_2JLP
#
_entry.id   2JLP
#
_cell.length_a   56.738
_cell.length_b   93.588
_cell.length_c   75.600
_cell.angle_alpha   90.00
_cell.angle_beta   106.23
_cell.angle_gamma   90.00
#
_symmetry.space_group_name_H-M   'P 1 21 1'
#
loop_
_entity.id
_entity.type
_entity.pdbx_description
1 polymer 'EXTRACELLULAR SUPEROXIDE DISMUTASE (CU-ZN)'
2 non-polymer 'COPPER (II) ION'
3 non-polymer 'ZINC ION'
4 non-polymer 'THIOCYANATE ION'
5 water water
#
_entity_poly.entity_id   1
_entity_poly.type   'polypeptide(L)'
_entity_poly.pdbx_seq_one_letter_code
;WTGEDSAEPNSDSAEWIRDMYAKVTEIWQEVMQRRDDDGTLHAACQVQPSATLDAAQPRVTGVVLFRQLAPRAKLDAFFA
LEGFPTEPNSSSRAIHVHQFGDLSQGCESTGPHYNPLAVPHPQHPGDFGNFAVRDGSLWRYRAGLAASLAGPHSIVGRAV
VVHAGEDDLGRGGNQASVENGNAGRRLACCVVGVCGPGLWERQAREHSERKKRRRESECKAA
;
_entity_poly.pdbx_strand_id   A,B,C,D
#
loop_
_chem_comp.id
_chem_comp.type
_chem_comp.name
_chem_comp.formula
CU non-polymer 'COPPER (II) ION' 'Cu 2'
SCN non-polymer 'THIOCYANATE ION' 'C N S -1'
ZN non-polymer 'ZINC ION' 'Zn 2'
#
# COMPACT_ATOMS: atom_id res chain seq x y z
N ASP A 38 -6.44 -12.70 -30.00
CA ASP A 38 -7.72 -13.16 -30.64
C ASP A 38 -8.11 -14.44 -29.94
N GLY A 39 -7.48 -15.53 -30.33
CA GLY A 39 -7.45 -16.73 -29.51
C GLY A 39 -6.31 -16.66 -28.49
N THR A 40 -5.60 -15.52 -28.41
CA THR A 40 -4.43 -15.41 -27.53
C THR A 40 -4.97 -15.35 -26.12
N LEU A 41 -4.26 -16.02 -25.20
CA LEU A 41 -4.57 -16.04 -23.76
C LEU A 41 -3.49 -15.31 -23.03
N HIS A 42 -3.89 -14.56 -22.01
CA HIS A 42 -2.97 -13.83 -21.14
C HIS A 42 -3.34 -14.09 -19.67
N ALA A 43 -2.30 -14.21 -18.85
CA ALA A 43 -2.48 -14.36 -17.42
C ALA A 43 -1.40 -13.55 -16.68
N ALA A 44 -1.67 -13.30 -15.42
CA ALA A 44 -0.75 -12.54 -14.55
C ALA A 44 -0.76 -13.08 -13.15
N CYS A 45 0.31 -12.75 -12.41
CA CYS A 45 0.52 -13.32 -11.07
C CYS A 45 1.33 -12.27 -10.29
N GLN A 46 0.73 -11.70 -9.23
CA GLN A 46 1.40 -10.63 -8.42
C GLN A 46 2.10 -11.33 -7.27
N VAL A 47 3.38 -11.60 -7.51
CA VAL A 47 4.22 -12.31 -6.52
C VAL A 47 4.37 -11.46 -5.26
N GLN A 48 4.03 -12.03 -4.12
CA GLN A 48 4.11 -11.32 -2.81
C GLN A 48 4.72 -12.27 -1.78
N PRO A 49 5.42 -11.70 -0.81
CA PRO A 49 6.04 -12.57 0.22
C PRO A 49 5.04 -13.50 0.94
N SER A 50 5.48 -14.71 1.24
CA SER A 50 4.68 -15.64 1.97
C SER A 50 4.31 -15.10 3.37
N ALA A 51 3.05 -15.33 3.75
CA ALA A 51 2.60 -14.95 5.09
C ALA A 51 3.36 -15.61 6.23
N THR A 52 3.98 -16.78 5.95
CA THR A 52 4.68 -17.57 6.96
C THR A 52 6.18 -17.28 7.13
N LEU A 53 6.70 -16.26 6.45
CA LEU A 53 8.17 -15.97 6.56
C LEU A 53 8.62 -15.53 7.90
N ASP A 54 9.87 -15.90 8.27
CA ASP A 54 10.63 -15.33 9.41
C ASP A 54 11.18 -13.97 9.05
N ALA A 55 11.51 -13.17 10.07
CA ALA A 55 12.10 -11.84 9.83
C ALA A 55 13.43 -11.93 9.05
N ALA A 56 14.14 -13.04 9.20
CA ALA A 56 15.45 -13.19 8.58
C ALA A 56 15.37 -13.41 7.08
N GLN A 57 14.23 -13.85 6.54
CA GLN A 57 14.07 -14.20 5.14
C GLN A 57 13.87 -12.97 4.27
N PRO A 58 14.33 -13.02 3.01
CA PRO A 58 14.05 -11.86 2.17
C PRO A 58 12.59 -11.81 1.81
N ARG A 59 12.14 -10.60 1.48
CA ARG A 59 10.75 -10.34 1.09
C ARG A 59 10.69 -9.90 -0.38
N VAL A 60 10.34 -10.87 -1.17
CA VAL A 60 10.36 -10.81 -2.62
C VAL A 60 8.94 -10.44 -3.17
N THR A 61 8.97 -9.46 -4.08
CA THR A 61 7.77 -8.93 -4.71
C THR A 61 8.01 -8.84 -6.21
N GLY A 62 6.94 -8.90 -6.99
CA GLY A 62 7.03 -8.53 -8.41
C GLY A 62 5.86 -9.14 -9.17
N VAL A 63 6.12 -9.47 -10.43
CA VAL A 63 5.12 -9.90 -11.38
C VAL A 63 5.64 -11.04 -12.24
N VAL A 64 4.75 -11.96 -12.56
CA VAL A 64 4.95 -12.93 -13.60
C VAL A 64 3.77 -12.74 -14.57
N LEU A 65 4.08 -12.58 -15.85
CA LEU A 65 3.08 -12.43 -16.94
C LEU A 65 3.19 -13.69 -17.79
N PHE A 66 2.07 -14.15 -18.32
CA PHE A 66 2.02 -15.28 -19.23
C PHE A 66 1.28 -14.88 -20.51
N ARG A 67 1.68 -15.43 -21.65
CA ARG A 67 1.02 -15.16 -22.91
C ARG A 67 1.17 -16.43 -23.72
N GLN A 68 0.04 -16.89 -24.22
CA GLN A 68 -0.02 -18.11 -25.05
C GLN A 68 -0.82 -17.78 -26.30
N LEU A 69 -0.14 -17.82 -27.43
CA LEU A 69 -0.71 -17.43 -28.70
C LEU A 69 -1.90 -18.26 -29.14
N ALA A 70 -1.92 -19.52 -28.75
CA ALA A 70 -3.05 -20.43 -29.04
C ALA A 70 -2.96 -21.60 -28.06
N PRO A 71 -4.06 -22.33 -27.85
CA PRO A 71 -4.06 -23.49 -26.93
C PRO A 71 -2.94 -24.47 -27.12
N ARG A 72 -2.60 -24.80 -28.37
CA ARG A 72 -1.50 -25.75 -28.58
CA ARG A 72 -1.48 -25.74 -28.63
C ARG A 72 -0.10 -25.09 -28.48
N ALA A 73 -0.05 -23.76 -28.36
CA ALA A 73 1.24 -23.04 -28.44
C ALA A 73 1.99 -23.26 -27.17
N LYS A 74 3.32 -23.18 -27.24
CA LYS A 74 4.11 -23.17 -26.02
C LYS A 74 3.89 -21.81 -25.34
N LEU A 75 4.05 -21.80 -24.02
CA LEU A 75 3.82 -20.64 -23.22
C LEU A 75 5.04 -19.69 -23.21
N ASP A 76 4.76 -18.40 -23.36
CA ASP A 76 5.73 -17.32 -23.12
C ASP A 76 5.46 -16.71 -21.75
N ALA A 77 6.53 -16.26 -21.07
CA ALA A 77 6.41 -15.68 -19.75
C ALA A 77 7.42 -14.55 -19.55
N PHE A 78 7.08 -13.70 -18.62
CA PHE A 78 7.90 -12.62 -18.19
C PHE A 78 7.93 -12.62 -16.64
N PHE A 79 9.15 -12.48 -16.11
CA PHE A 79 9.41 -12.51 -14.67
C PHE A 79 10.18 -11.28 -14.26
N ALA A 80 9.69 -10.51 -13.30
CA ALA A 80 10.41 -9.32 -12.83
C ALA A 80 10.18 -9.24 -11.33
N LEU A 81 11.20 -9.58 -10.56
CA LEU A 81 11.10 -9.62 -9.10
C LEU A 81 12.20 -8.77 -8.45
N GLU A 82 11.87 -8.28 -7.27
CA GLU A 82 12.83 -7.57 -6.47
CA GLU A 82 12.73 -7.45 -6.44
C GLU A 82 12.73 -7.98 -5.00
N GLY A 83 13.74 -7.58 -4.22
CA GLY A 83 13.75 -7.86 -2.79
C GLY A 83 14.69 -8.96 -2.37
N PHE A 84 15.40 -9.57 -3.29
CA PHE A 84 16.50 -10.45 -2.91
C PHE A 84 17.65 -9.69 -2.25
N PRO A 85 18.45 -10.41 -1.43
CA PRO A 85 19.66 -9.82 -0.85
C PRO A 85 20.56 -9.31 -1.99
N THR A 86 21.13 -8.11 -1.81
CA THR A 86 22.09 -7.52 -2.76
C THR A 86 23.53 -7.98 -2.46
N GLU A 87 23.78 -8.47 -1.25
CA GLU A 87 25.02 -9.16 -0.88
C GLU A 87 24.64 -10.58 -0.41
N PRO A 88 25.19 -11.64 -1.04
CA PRO A 88 26.03 -11.70 -2.25
C PRO A 88 25.38 -10.98 -3.41
N ASN A 89 26.18 -10.49 -4.36
CA ASN A 89 25.64 -9.70 -5.47
C ASN A 89 24.87 -10.56 -6.48
N SER A 90 25.03 -11.88 -6.46
CA SER A 90 24.19 -12.70 -7.34
C SER A 90 23.83 -14.10 -6.81
N SER A 91 22.82 -14.68 -7.43
CA SER A 91 22.31 -15.94 -6.96
C SER A 91 21.50 -16.58 -8.09
N SER A 92 21.14 -17.85 -7.92
CA SER A 92 20.25 -18.54 -8.82
C SER A 92 19.01 -18.99 -8.04
N ARG A 93 17.81 -18.67 -8.51
CA ARG A 93 16.59 -19.03 -7.75
C ARG A 93 15.57 -19.75 -8.65
N ALA A 94 14.91 -20.76 -8.09
CA ALA A 94 13.91 -21.59 -8.77
C ALA A 94 12.51 -20.92 -8.75
N ILE A 95 11.75 -21.05 -9.83
CA ILE A 95 10.35 -20.66 -9.87
C ILE A 95 9.55 -21.79 -10.50
N HIS A 96 8.44 -22.16 -9.86
CA HIS A 96 7.61 -23.23 -10.39
C HIS A 96 6.12 -22.94 -10.22
N VAL A 97 5.31 -23.79 -10.84
CA VAL A 97 3.87 -23.79 -10.59
C VAL A 97 3.57 -24.92 -9.59
N HIS A 98 2.84 -24.59 -8.53
CA HIS A 98 2.35 -25.49 -7.51
C HIS A 98 0.85 -25.68 -7.67
N GLN A 99 0.38 -26.79 -7.16
CA GLN A 99 -0.94 -27.33 -7.47
C GLN A 99 -2.12 -26.39 -7.18
N PHE A 100 -2.09 -25.72 -6.02
CA PHE A 100 -3.27 -25.05 -5.52
C PHE A 100 -3.02 -23.58 -5.38
N GLY A 101 -3.97 -22.76 -5.88
CA GLY A 101 -3.96 -21.31 -5.58
C GLY A 101 -4.54 -21.03 -4.24
N ASP A 102 -3.94 -21.60 -3.18
CA ASP A 102 -4.45 -21.59 -1.84
C ASP A 102 -3.37 -20.94 -0.99
N LEU A 103 -3.61 -19.67 -0.62
CA LEU A 103 -2.61 -18.90 0.14
C LEU A 103 -2.99 -18.77 1.61
N SER A 104 -3.83 -19.69 2.10
CA SER A 104 -4.31 -19.65 3.49
C SER A 104 -3.18 -19.82 4.51
N GLN A 105 -2.14 -20.58 4.19
CA GLN A 105 -0.92 -20.70 5.02
C GLN A 105 0.26 -20.13 4.24
N GLY A 106 0.06 -18.98 3.62
CA GLY A 106 1.07 -18.41 2.69
C GLY A 106 1.42 -19.40 1.60
N CYS A 107 2.71 -19.54 1.27
CA CYS A 107 3.09 -20.37 0.11
C CYS A 107 3.05 -21.85 0.45
N GLU A 108 2.95 -22.15 1.75
CA GLU A 108 2.99 -23.53 2.23
C GLU A 108 1.73 -24.29 1.75
N SER A 109 0.62 -23.61 1.65
CA SER A 109 -0.68 -24.23 1.37
C SER A 109 -0.89 -24.44 -0.14
N THR A 110 0.09 -24.05 -0.97
CA THR A 110 -0.04 -24.22 -2.42
C THR A 110 0.21 -25.66 -2.86
N GLY A 111 0.65 -26.53 -1.95
CA GLY A 111 0.80 -27.91 -2.30
C GLY A 111 2.09 -28.19 -3.07
N PRO A 112 2.17 -29.38 -3.69
CA PRO A 112 3.38 -29.74 -4.41
C PRO A 112 3.39 -29.20 -5.82
N HIS A 113 4.42 -29.52 -6.61
CA HIS A 113 4.49 -29.02 -8.00
C HIS A 113 3.24 -29.57 -8.70
N TYR A 114 2.61 -28.75 -9.55
CA TYR A 114 1.43 -29.20 -10.26
C TYR A 114 1.86 -30.33 -11.21
N ASN A 115 1.17 -31.45 -11.17
CA ASN A 115 1.69 -32.66 -11.76
C ASN A 115 0.55 -33.53 -12.35
N PRO A 116 -0.19 -32.96 -13.30
CA PRO A 116 -1.40 -33.66 -13.75
C PRO A 116 -1.11 -34.99 -14.46
N LEU A 117 0.12 -35.17 -14.96
CA LEU A 117 0.50 -36.41 -15.66
C LEU A 117 1.31 -37.40 -14.81
N ALA A 118 1.50 -37.08 -13.53
CA ALA A 118 2.11 -37.99 -12.54
C ALA A 118 3.52 -38.43 -12.96
N VAL A 119 4.38 -37.43 -13.21
CA VAL A 119 5.77 -37.64 -13.65
C VAL A 119 6.75 -37.02 -12.62
N PRO A 120 8.02 -37.43 -12.66
CA PRO A 120 8.97 -36.81 -11.74
C PRO A 120 9.40 -35.43 -12.15
N HIS A 121 9.82 -34.64 -11.16
CA HIS A 121 10.55 -33.44 -11.44
C HIS A 121 11.84 -33.77 -12.18
N PRO A 122 12.22 -32.94 -13.19
CA PRO A 122 11.67 -31.66 -13.65
C PRO A 122 10.81 -31.75 -14.88
N GLN A 123 9.96 -32.80 -14.95
CA GLN A 123 9.03 -32.98 -16.06
C GLN A 123 7.66 -32.34 -15.86
N HIS A 124 7.47 -31.60 -14.76
CA HIS A 124 6.17 -31.02 -14.44
C HIS A 124 5.99 -29.82 -15.41
N PRO A 125 4.74 -29.51 -15.78
CA PRO A 125 4.55 -28.52 -16.82
C PRO A 125 4.99 -27.13 -16.41
N GLY A 126 4.93 -26.87 -15.10
CA GLY A 126 5.30 -25.57 -14.50
C GLY A 126 6.71 -25.53 -13.93
N ASP A 127 7.54 -26.50 -14.30
CA ASP A 127 8.95 -26.47 -13.92
C ASP A 127 9.72 -25.45 -14.77
N PHE A 128 9.71 -24.19 -14.34
CA PHE A 128 10.31 -23.10 -15.13
C PHE A 128 11.80 -22.97 -15.03
N GLY A 129 12.42 -23.61 -14.03
CA GLY A 129 13.84 -23.67 -13.90
C GLY A 129 14.39 -22.55 -13.02
N ASN A 130 15.68 -22.26 -13.22
CA ASN A 130 16.39 -21.26 -12.45
C ASN A 130 16.48 -19.91 -13.14
N PHE A 131 16.57 -18.87 -12.32
CA PHE A 131 16.63 -17.50 -12.77
C PHE A 131 17.77 -16.79 -12.07
N ALA A 132 18.48 -15.98 -12.82
CA ALA A 132 19.66 -15.30 -12.31
C ALA A 132 19.25 -14.05 -11.58
N VAL A 133 19.61 -13.95 -10.32
CA VAL A 133 19.38 -12.71 -9.57
C VAL A 133 20.68 -11.94 -9.47
N ARG A 134 20.62 -10.65 -9.79
CA ARG A 134 21.77 -9.77 -9.79
C ARG A 134 21.38 -8.48 -9.07
N ASP A 135 22.15 -8.14 -8.04
CA ASP A 135 21.91 -6.95 -7.25
C ASP A 135 20.47 -6.85 -6.72
N GLY A 136 19.95 -8.00 -6.31
CA GLY A 136 18.68 -8.07 -5.65
C GLY A 136 17.48 -8.24 -6.57
N SER A 137 17.70 -8.20 -7.90
CA SER A 137 16.62 -8.20 -8.87
CA SER A 137 16.56 -8.28 -8.79
C SER A 137 16.73 -9.34 -9.88
N LEU A 138 15.58 -9.67 -10.44
CA LEU A 138 15.40 -10.74 -11.40
C LEU A 138 14.56 -10.12 -12.53
N TRP A 139 15.00 -10.30 -13.77
CA TRP A 139 14.25 -9.72 -14.90
C TRP A 139 14.56 -10.59 -16.11
N ARG A 140 13.54 -11.30 -16.58
CA ARG A 140 13.74 -12.35 -17.59
C ARG A 140 12.43 -12.64 -18.36
N TYR A 141 12.55 -12.68 -19.71
CA TYR A 141 11.53 -13.34 -20.51
C TYR A 141 11.92 -14.78 -20.74
N ARG A 142 10.94 -15.67 -20.82
CA ARG A 142 11.17 -17.07 -21.20
CA ARG A 142 11.19 -17.07 -21.18
C ARG A 142 10.14 -17.52 -22.20
N ALA A 143 10.52 -18.41 -23.09
CA ALA A 143 9.65 -18.95 -24.15
C ALA A 143 9.74 -20.46 -24.11
N GLY A 144 8.81 -21.13 -24.79
CA GLY A 144 8.91 -22.59 -24.98
C GLY A 144 8.57 -23.33 -23.69
N LEU A 145 7.88 -22.66 -22.78
CA LEU A 145 7.45 -23.32 -21.54
C LEU A 145 6.38 -24.39 -21.83
N ALA A 146 6.39 -25.42 -20.99
CA ALA A 146 5.51 -26.57 -21.17
C ALA A 146 4.12 -26.33 -20.63
N ALA A 147 3.91 -25.28 -19.82
CA ALA A 147 2.61 -25.10 -19.15
C ALA A 147 1.59 -24.50 -20.13
N SER A 148 0.31 -24.51 -19.75
CA SER A 148 -0.76 -23.98 -20.58
C SER A 148 -1.71 -23.11 -19.77
N LEU A 149 -2.33 -22.15 -20.45
CA LEU A 149 -3.42 -21.33 -19.84
C LEU A 149 -4.79 -21.89 -20.21
N ALA A 150 -4.81 -22.95 -21.01
CA ALA A 150 -6.05 -23.48 -21.54
C ALA A 150 -6.08 -24.97 -21.28
N GLY A 151 -7.28 -25.56 -21.36
CA GLY A 151 -7.40 -27.02 -21.41
C GLY A 151 -7.37 -27.63 -20.02
N PRO A 152 -7.36 -28.96 -19.97
CA PRO A 152 -7.47 -29.65 -18.70
C PRO A 152 -6.34 -29.37 -17.76
N HIS A 153 -5.15 -29.06 -18.30
CA HIS A 153 -3.96 -28.83 -17.49
C HIS A 153 -3.64 -27.37 -17.32
N SER A 154 -4.66 -26.53 -17.37
CA SER A 154 -4.44 -25.09 -17.25
C SER A 154 -3.87 -24.77 -15.91
N ILE A 155 -2.95 -23.80 -15.86
CA ILE A 155 -2.36 -23.32 -14.59
C ILE A 155 -3.13 -22.11 -14.07
N VAL A 156 -4.13 -21.67 -14.81
CA VAL A 156 -4.98 -20.57 -14.30
C VAL A 156 -5.59 -20.99 -12.96
N GLY A 157 -5.50 -20.13 -11.94
CA GLY A 157 -6.06 -20.50 -10.66
C GLY A 157 -5.11 -21.30 -9.77
N ARG A 158 -3.94 -21.65 -10.33
CA ARG A 158 -2.87 -22.32 -9.55
C ARG A 158 -1.87 -21.33 -9.05
N ALA A 159 -0.76 -21.78 -8.49
CA ALA A 159 0.19 -20.87 -7.79
C ALA A 159 1.52 -20.83 -8.50
N VAL A 160 2.14 -19.65 -8.57
CA VAL A 160 3.54 -19.56 -8.95
C VAL A 160 4.25 -19.37 -7.63
N VAL A 161 5.30 -20.16 -7.41
CA VAL A 161 6.11 -20.08 -6.21
C VAL A 161 7.58 -19.80 -6.53
N VAL A 162 8.14 -18.81 -5.83
CA VAL A 162 9.54 -18.42 -5.97
C VAL A 162 10.30 -18.96 -4.74
N HIS A 163 11.40 -19.70 -4.99
CA HIS A 163 12.19 -20.38 -3.93
C HIS A 163 13.45 -19.67 -3.56
N ALA A 164 13.96 -20.02 -2.38
CA ALA A 164 15.21 -19.49 -1.86
C ALA A 164 16.44 -20.05 -2.55
N GLY A 165 16.29 -21.23 -3.10
CA GLY A 165 17.40 -21.94 -3.68
C GLY A 165 17.30 -22.27 -5.15
N GLU A 166 18.39 -22.92 -5.59
CA GLU A 166 18.54 -23.34 -6.97
C GLU A 166 17.92 -24.74 -7.14
N ASP A 167 17.33 -24.95 -8.30
CA ASP A 167 16.69 -26.18 -8.70
C ASP A 167 17.80 -27.09 -9.27
N ASP A 168 17.95 -28.27 -8.72
CA ASP A 168 18.99 -29.17 -9.17
C ASP A 168 18.53 -30.02 -10.38
N LEU A 169 17.32 -29.76 -10.83
CA LEU A 169 16.80 -30.36 -12.05
C LEU A 169 16.79 -31.86 -12.05
N GLY A 170 16.58 -32.45 -10.87
CA GLY A 170 16.48 -33.90 -10.75
C GLY A 170 17.81 -34.63 -10.66
N ARG A 171 18.91 -33.88 -10.44
CA ARG A 171 20.28 -34.44 -10.45
CA ARG A 171 20.26 -34.49 -10.45
C ARG A 171 20.91 -34.58 -9.06
N GLY A 172 20.14 -34.31 -8.02
CA GLY A 172 20.64 -34.42 -6.62
C GLY A 172 20.46 -35.82 -6.10
N GLY A 173 21.11 -36.15 -5.00
CA GLY A 173 21.12 -37.54 -4.52
C GLY A 173 20.11 -37.83 -3.44
N ASN A 174 18.93 -37.23 -3.52
CA ASN A 174 17.86 -37.55 -2.59
C ASN A 174 16.54 -37.56 -3.32
N GLN A 175 15.51 -38.04 -2.63
CA GLN A 175 14.15 -38.04 -3.20
C GLN A 175 13.63 -36.64 -3.54
N ALA A 176 13.91 -35.66 -2.69
CA ALA A 176 13.47 -34.34 -3.01
C ALA A 176 13.91 -33.84 -4.39
N SER A 177 15.10 -34.24 -4.83
CA SER A 177 15.56 -33.80 -6.13
C SER A 177 14.51 -34.08 -7.23
N VAL A 178 13.93 -35.29 -7.19
CA VAL A 178 12.92 -35.72 -8.15
C VAL A 178 11.44 -35.36 -7.82
N GLU A 179 11.27 -34.54 -6.75
CA GLU A 179 9.97 -33.96 -6.39
C GLU A 179 9.97 -32.47 -6.66
N ASN A 180 11.03 -31.77 -6.22
CA ASN A 180 11.08 -30.31 -6.27
C ASN A 180 12.44 -29.73 -6.55
N GLY A 181 13.43 -30.58 -6.85
CA GLY A 181 14.73 -30.10 -7.28
C GLY A 181 15.55 -29.52 -6.16
N ASN A 182 15.20 -29.78 -4.90
CA ASN A 182 15.94 -29.22 -3.75
C ASN A 182 15.99 -27.72 -3.76
N ALA A 183 14.91 -27.11 -4.27
CA ALA A 183 14.88 -25.69 -4.46
C ALA A 183 14.72 -24.93 -3.15
N GLY A 184 14.44 -25.64 -2.06
CA GLY A 184 14.39 -25.01 -0.73
C GLY A 184 13.11 -24.23 -0.43
N ARG A 185 13.28 -23.27 0.48
CA ARG A 185 12.16 -22.65 1.12
C ARG A 185 11.36 -21.79 0.13
N ARG A 186 10.05 -21.67 0.38
CA ARG A 186 9.10 -20.95 -0.49
C ARG A 186 9.05 -19.49 0.03
N LEU A 187 9.60 -18.59 -0.77
CA LEU A 187 9.76 -17.20 -0.38
C LEU A 187 8.51 -16.39 -0.69
N ALA A 188 7.93 -16.62 -1.88
CA ALA A 188 6.89 -15.68 -2.35
C ALA A 188 6.06 -16.38 -3.38
N CYS A 189 4.81 -15.98 -3.51
CA CYS A 189 3.91 -16.70 -4.41
C CYS A 189 2.71 -15.81 -4.75
N CYS A 190 1.89 -16.35 -5.61
CA CYS A 190 0.68 -15.68 -6.11
C CYS A 190 -0.18 -16.69 -6.80
N VAL A 191 -1.44 -16.29 -6.98
CA VAL A 191 -2.43 -17.07 -7.77
C VAL A 191 -2.50 -16.55 -9.20
N VAL A 192 -2.43 -17.46 -10.16
CA VAL A 192 -2.39 -17.09 -11.58
C VAL A 192 -3.82 -16.70 -11.98
N GLY A 193 -3.91 -15.45 -12.38
CA GLY A 193 -5.14 -14.81 -12.81
C GLY A 193 -5.28 -14.56 -14.30
N VAL A 194 -6.51 -14.66 -14.83
CA VAL A 194 -6.87 -14.25 -16.19
C VAL A 194 -6.66 -12.76 -16.31
N CYS A 195 -6.03 -12.31 -17.39
CA CYS A 195 -5.88 -10.88 -17.59
C CYS A 195 -6.05 -10.51 -19.06
N GLY A 196 -6.15 -9.19 -19.30
CA GLY A 196 -6.19 -8.66 -20.65
C GLY A 196 -4.81 -8.63 -21.29
N PRO A 197 -4.73 -8.22 -22.58
CA PRO A 197 -3.44 -8.07 -23.28
C PRO A 197 -2.57 -6.91 -22.83
N GLY A 198 -3.17 -5.94 -22.13
CA GLY A 198 -2.45 -4.70 -21.72
C GLY A 198 -1.12 -4.85 -21.02
N LEU A 199 -1.07 -5.70 -20.00
CA LEU A 199 0.11 -5.83 -19.17
C LEU A 199 1.27 -6.28 -20.02
N TRP A 200 1.03 -7.31 -20.85
CA TRP A 200 2.11 -7.83 -21.70
C TRP A 200 2.55 -6.81 -22.73
N GLU A 201 1.56 -6.16 -23.39
CA GLU A 201 1.86 -5.13 -24.40
C GLU A 201 2.67 -4.00 -23.78
N ARG A 202 2.28 -3.51 -22.60
CA ARG A 202 2.94 -2.36 -21.99
C ARG A 202 4.37 -2.71 -21.57
N GLN A 203 4.52 -3.91 -21.05
CA GLN A 203 5.85 -4.37 -20.60
C GLN A 203 6.77 -4.49 -21.80
N ALA A 204 6.27 -5.00 -22.92
CA ALA A 204 7.09 -5.21 -24.15
C ALA A 204 7.45 -3.87 -24.80
N ARG A 205 6.51 -2.92 -24.71
CA ARG A 205 6.64 -1.45 -24.92
C ARG A 205 5.96 -1.04 -26.18
N GLY B 39 -16.73 -35.08 -10.00
CA GLY B 39 -15.88 -34.73 -8.84
C GLY B 39 -16.15 -33.29 -8.40
N THR B 40 -16.26 -33.09 -7.08
CA THR B 40 -16.46 -31.75 -6.53
C THR B 40 -15.29 -30.84 -6.82
N LEU B 41 -15.59 -29.58 -7.09
CA LEU B 41 -14.54 -28.59 -7.31
C LEU B 41 -14.62 -27.66 -6.11
N HIS B 42 -13.46 -27.21 -5.66
CA HIS B 42 -13.35 -26.22 -4.60
C HIS B 42 -12.46 -25.09 -5.08
N ALA B 43 -12.67 -23.89 -4.58
CA ALA B 43 -11.82 -22.77 -4.88
C ALA B 43 -11.76 -21.88 -3.63
N ALA B 44 -10.71 -21.08 -3.56
CA ALA B 44 -10.51 -20.16 -2.44
C ALA B 44 -10.02 -18.85 -2.94
N CYS B 45 -10.30 -17.80 -2.15
CA CYS B 45 -9.91 -16.44 -2.58
C CYS B 45 -9.55 -15.71 -1.29
N GLN B 46 -8.27 -15.35 -1.17
CA GLN B 46 -7.71 -14.82 0.06
C GLN B 46 -7.84 -13.29 0.01
N VAL B 47 -8.98 -12.79 0.49
CA VAL B 47 -9.29 -11.37 0.39
C VAL B 47 -8.26 -10.57 1.18
N GLN B 48 -7.68 -9.61 0.48
CA GLN B 48 -6.72 -8.66 1.05
CA GLN B 48 -6.75 -8.66 1.08
C GLN B 48 -6.98 -7.23 0.62
N PRO B 49 -6.62 -6.25 1.45
CA PRO B 49 -6.81 -4.89 0.98
C PRO B 49 -6.19 -4.60 -0.37
N SER B 50 -6.78 -3.69 -1.11
CA SER B 50 -6.24 -3.31 -2.40
C SER B 50 -4.85 -2.74 -2.22
N ALA B 51 -3.95 -3.11 -3.13
CA ALA B 51 -2.63 -2.53 -3.17
C ALA B 51 -2.61 -1.01 -3.26
N THR B 52 -3.68 -0.43 -3.81
CA THR B 52 -3.68 0.98 -4.18
C THR B 52 -4.52 1.81 -3.19
N LEU B 53 -4.92 1.25 -2.05
CA LEU B 53 -5.64 2.07 -1.03
C LEU B 53 -4.80 3.21 -0.54
N ASP B 54 -5.46 4.33 -0.20
CA ASP B 54 -4.82 5.34 0.61
C ASP B 54 -4.86 5.01 2.08
N ALA B 55 -4.08 5.77 2.88
CA ALA B 55 -3.91 5.47 4.30
C ALA B 55 -5.15 5.58 5.16
N ALA B 56 -6.20 6.27 4.67
CA ALA B 56 -7.40 6.50 5.46
C ALA B 56 -8.51 5.48 5.21
N GLN B 57 -8.32 4.56 4.27
CA GLN B 57 -9.32 3.58 3.94
C GLN B 57 -9.20 2.34 4.85
N PRO B 58 -10.34 1.69 5.13
CA PRO B 58 -10.30 0.48 5.97
C PRO B 58 -9.63 -0.67 5.28
N ARG B 59 -9.10 -1.57 6.12
CA ARG B 59 -8.29 -2.69 5.68
CA ARG B 59 -8.31 -2.69 5.68
C ARG B 59 -9.09 -3.97 5.92
N VAL B 60 -9.71 -4.48 4.87
CA VAL B 60 -10.60 -5.64 4.92
C VAL B 60 -9.80 -6.87 4.46
N THR B 61 -9.84 -7.90 5.28
CA THR B 61 -9.15 -9.16 5.00
CA THR B 61 -9.13 -9.15 5.04
C THR B 61 -10.08 -10.34 5.34
N GLY B 62 -9.86 -11.49 4.70
CA GLY B 62 -10.57 -12.69 5.08
C GLY B 62 -10.53 -13.68 3.93
N VAL B 63 -11.58 -14.50 3.83
CA VAL B 63 -11.61 -15.62 2.89
C VAL B 63 -13.00 -15.71 2.25
N VAL B 64 -13.00 -16.01 0.96
CA VAL B 64 -14.20 -16.51 0.31
C VAL B 64 -13.84 -17.90 -0.22
N LEU B 65 -14.67 -18.86 0.12
CA LEU B 65 -14.53 -20.23 -0.33
C LEU B 65 -15.69 -20.57 -1.24
N PHE B 66 -15.43 -21.45 -2.22
CA PHE B 66 -16.41 -21.89 -3.17
C PHE B 66 -16.42 -23.39 -3.23
N ARG B 67 -17.59 -23.95 -3.48
CA ARG B 67 -17.69 -25.41 -3.66
C ARG B 67 -18.74 -25.66 -4.74
N GLN B 68 -18.42 -26.49 -5.72
CA GLN B 68 -19.36 -26.87 -6.75
C GLN B 68 -19.45 -28.40 -6.82
N LEU B 69 -20.64 -28.98 -6.60
CA LEU B 69 -20.73 -30.44 -6.45
C LEU B 69 -20.52 -31.18 -7.78
N ALA B 70 -20.89 -30.55 -8.89
CA ALA B 70 -20.69 -31.12 -10.22
C ALA B 70 -20.61 -29.97 -11.22
N PRO B 71 -20.02 -30.19 -12.41
CA PRO B 71 -19.67 -29.04 -13.29
C PRO B 71 -20.80 -28.06 -13.60
N ARG B 72 -22.01 -28.58 -13.59
CA ARG B 72 -23.19 -27.78 -13.91
CA ARG B 72 -23.26 -27.88 -13.92
C ARG B 72 -24.13 -27.54 -12.71
N ALA B 73 -23.67 -27.89 -11.50
CA ALA B 73 -24.40 -27.55 -10.30
C ALA B 73 -24.27 -26.05 -10.06
N LYS B 74 -25.17 -25.48 -9.28
CA LYS B 74 -25.02 -24.11 -8.79
C LYS B 74 -23.91 -24.10 -7.73
N LEU B 75 -23.33 -22.93 -7.57
CA LEU B 75 -22.17 -22.78 -6.76
C LEU B 75 -22.56 -22.41 -5.32
N ASP B 76 -21.87 -23.01 -4.35
CA ASP B 76 -22.04 -22.65 -2.95
C ASP B 76 -20.83 -21.81 -2.54
N ALA B 77 -21.04 -20.86 -1.66
CA ALA B 77 -19.97 -19.92 -1.27
C ALA B 77 -20.05 -19.57 0.21
N PHE B 78 -18.87 -19.36 0.79
CA PHE B 78 -18.76 -18.96 2.19
C PHE B 78 -17.90 -17.73 2.23
N PHE B 79 -18.37 -16.73 2.98
CA PHE B 79 -17.72 -15.44 3.09
C PHE B 79 -17.43 -15.15 4.52
N ALA B 80 -16.18 -14.87 4.83
CA ALA B 80 -15.77 -14.54 6.20
C ALA B 80 -14.71 -13.44 6.15
N LEU B 81 -15.13 -12.22 6.45
CA LEU B 81 -14.25 -11.04 6.39
C LEU B 81 -14.27 -10.21 7.69
N GLU B 82 -13.18 -9.52 7.95
CA GLU B 82 -13.07 -8.59 9.05
C GLU B 82 -12.33 -7.32 8.61
N GLY B 83 -12.36 -6.28 9.44
CA GLY B 83 -11.63 -5.08 9.12
C GLY B 83 -12.53 -3.93 8.67
N PHE B 84 -13.85 -4.13 8.55
CA PHE B 84 -14.72 -3.03 8.16
C PHE B 84 -14.75 -2.00 9.27
N PRO B 85 -15.05 -0.73 8.92
CA PRO B 85 -15.28 0.26 9.98
C PRO B 85 -16.33 -0.24 10.99
N THR B 86 -16.06 -0.06 12.27
CA THR B 86 -16.95 -0.58 13.33
C THR B 86 -18.08 0.39 13.73
N GLU B 87 -18.03 1.61 13.16
CA GLU B 87 -19.13 2.57 13.21
C GLU B 87 -19.28 3.09 11.77
N PRO B 88 -20.51 3.06 11.23
CA PRO B 88 -21.75 2.60 11.86
C PRO B 88 -21.65 1.11 12.15
N ASN B 89 -22.08 0.71 13.36
CA ASN B 89 -22.01 -0.69 13.79
C ASN B 89 -22.57 -1.64 12.73
N SER B 90 -23.74 -1.30 12.18
CA SER B 90 -24.32 -2.09 11.07
C SER B 90 -24.13 -1.40 9.72
N SER B 91 -23.87 -2.19 8.69
CA SER B 91 -23.83 -1.66 7.37
C SER B 91 -24.02 -2.86 6.40
N SER B 92 -24.23 -2.53 5.14
CA SER B 92 -24.45 -3.51 4.05
C SER B 92 -23.41 -3.23 2.98
N ARG B 93 -22.68 -4.26 2.56
CA ARG B 93 -21.54 -4.10 1.63
C ARG B 93 -21.63 -5.13 0.50
N ALA B 94 -21.32 -4.68 -0.70
CA ALA B 94 -21.41 -5.47 -1.93
C ALA B 94 -20.12 -6.31 -2.14
N ILE B 95 -20.28 -7.49 -2.74
CA ILE B 95 -19.18 -8.30 -3.17
C ILE B 95 -19.54 -8.83 -4.58
N HIS B 96 -18.59 -8.74 -5.51
CA HIS B 96 -18.82 -9.20 -6.89
C HIS B 96 -17.61 -9.92 -7.42
N VAL B 97 -17.79 -10.67 -8.49
CA VAL B 97 -16.69 -11.19 -9.29
C VAL B 97 -16.41 -10.24 -10.45
N HIS B 98 -15.18 -9.77 -10.58
CA HIS B 98 -14.76 -8.91 -11.68
C HIS B 98 -14.00 -9.73 -12.71
N GLN B 99 -13.83 -9.18 -13.90
CA GLN B 99 -13.43 -9.97 -15.06
C GLN B 99 -12.01 -10.57 -14.93
N PHE B 100 -11.09 -9.77 -14.41
CA PHE B 100 -9.65 -10.12 -14.47
C PHE B 100 -9.02 -10.36 -13.11
N GLY B 101 -8.34 -11.48 -12.95
CA GLY B 101 -7.55 -11.75 -11.76
C GLY B 101 -6.22 -11.00 -11.88
N ASP B 102 -6.31 -9.66 -12.00
CA ASP B 102 -5.15 -8.81 -12.27
C ASP B 102 -5.09 -7.80 -11.11
N LEU B 103 -4.16 -8.03 -10.19
CA LEU B 103 -3.95 -7.13 -9.04
C LEU B 103 -2.79 -6.18 -9.20
N SER B 104 -2.37 -5.92 -10.44
CA SER B 104 -1.23 -5.04 -10.71
C SER B 104 -1.47 -3.62 -10.14
N GLN B 105 -2.69 -3.18 -10.24
CA GLN B 105 -3.13 -1.91 -9.64
C GLN B 105 -4.15 -2.22 -8.53
N GLY B 106 -3.86 -3.22 -7.70
CA GLY B 106 -4.80 -3.68 -6.68
C GLY B 106 -6.14 -4.05 -7.30
N CYS B 107 -7.24 -3.71 -6.63
CA CYS B 107 -8.58 -4.00 -7.13
C CYS B 107 -8.95 -3.21 -8.39
N GLU B 108 -8.22 -2.14 -8.68
CA GLU B 108 -8.55 -1.27 -9.82
C GLU B 108 -8.37 -1.91 -11.16
N SER B 109 -7.41 -2.84 -11.27
CA SER B 109 -7.06 -3.50 -12.52
C SER B 109 -7.87 -4.77 -12.79
N THR B 110 -8.86 -5.09 -11.95
CA THR B 110 -9.65 -6.32 -12.08
C THR B 110 -10.76 -6.16 -13.12
N GLY B 111 -10.90 -4.98 -13.70
CA GLY B 111 -11.88 -4.77 -14.77
C GLY B 111 -13.30 -4.64 -14.29
N PRO B 112 -14.25 -4.76 -15.24
CA PRO B 112 -15.66 -4.63 -14.90
C PRO B 112 -16.19 -5.95 -14.34
N HIS B 113 -17.48 -6.01 -14.06
CA HIS B 113 -18.08 -7.27 -13.60
C HIS B 113 -17.91 -8.36 -14.70
N TYR B 114 -17.62 -9.56 -14.24
CA TYR B 114 -17.56 -10.69 -15.19
C TYR B 114 -18.95 -10.96 -15.76
N ASN B 115 -19.06 -10.93 -17.08
CA ASN B 115 -20.38 -11.04 -17.73
C ASN B 115 -20.34 -11.92 -19.01
N PRO B 116 -20.00 -13.22 -18.84
CA PRO B 116 -19.84 -14.14 -19.97
C PRO B 116 -21.13 -14.40 -20.73
N LEU B 117 -22.29 -14.25 -20.09
CA LEU B 117 -23.58 -14.61 -20.74
C LEU B 117 -24.31 -13.37 -21.25
N ALA B 118 -23.66 -12.21 -21.14
CA ALA B 118 -24.20 -10.94 -21.69
C ALA B 118 -25.58 -10.60 -21.12
N VAL B 119 -25.65 -10.36 -19.81
CA VAL B 119 -26.89 -9.98 -19.12
C VAL B 119 -26.60 -8.71 -18.23
N PRO B 120 -27.62 -7.89 -17.91
CA PRO B 120 -27.35 -6.68 -17.09
C PRO B 120 -27.09 -6.99 -15.63
N HIS B 121 -26.41 -6.07 -14.97
CA HIS B 121 -26.35 -6.10 -13.50
C HIS B 121 -27.79 -5.98 -12.96
N PRO B 122 -28.17 -6.77 -11.93
CA PRO B 122 -27.41 -7.70 -11.09
C PRO B 122 -27.55 -9.19 -11.42
N GLN B 123 -27.59 -9.52 -12.70
CA GLN B 123 -27.69 -10.91 -13.14
C GLN B 123 -26.38 -11.51 -13.56
N HIS B 124 -25.29 -10.79 -13.31
CA HIS B 124 -23.97 -11.38 -13.60
C HIS B 124 -23.74 -12.56 -12.67
N PRO B 125 -23.00 -13.57 -13.14
CA PRO B 125 -22.83 -14.77 -12.32
C PRO B 125 -22.24 -14.58 -10.91
N GLY B 126 -21.27 -13.67 -10.80
CA GLY B 126 -20.67 -13.29 -9.55
C GLY B 126 -21.25 -12.07 -8.90
N ASP B 127 -22.49 -11.72 -9.24
CA ASP B 127 -23.21 -10.64 -8.55
C ASP B 127 -23.73 -11.25 -7.23
N PHE B 128 -22.92 -11.21 -6.18
CA PHE B 128 -23.28 -11.89 -4.92
C PHE B 128 -24.17 -11.15 -3.97
N GLY B 129 -24.39 -9.87 -4.25
CA GLY B 129 -25.34 -9.06 -3.55
C GLY B 129 -24.70 -8.36 -2.38
N ASN B 130 -25.55 -7.96 -1.44
CA ASN B 130 -25.13 -7.21 -0.26
C ASN B 130 -25.04 -8.14 0.93
N PHE B 131 -24.06 -7.86 1.79
CA PHE B 131 -23.81 -8.65 3.00
C PHE B 131 -23.85 -7.76 4.22
N ALA B 132 -24.46 -8.25 5.29
CA ALA B 132 -24.58 -7.52 6.57
C ALA B 132 -23.23 -7.56 7.27
N VAL B 133 -22.71 -6.39 7.52
CA VAL B 133 -21.53 -6.24 8.32
C VAL B 133 -21.97 -5.78 9.72
N ARG B 134 -21.48 -6.45 10.75
CA ARG B 134 -21.84 -6.10 12.13
C ARG B 134 -20.56 -6.09 12.94
N ASP B 135 -20.28 -4.95 13.58
CA ASP B 135 -19.10 -4.79 14.41
C ASP B 135 -17.77 -5.10 13.69
N GLY B 136 -17.70 -4.71 12.42
CA GLY B 136 -16.49 -4.83 11.63
C GLY B 136 -16.40 -6.12 10.84
N SER B 137 -17.32 -7.06 11.06
CA SER B 137 -17.22 -8.39 10.51
C SER B 137 -18.38 -8.80 9.66
N LEU B 138 -18.09 -9.74 8.76
CA LEU B 138 -19.04 -10.23 7.77
C LEU B 138 -18.88 -11.78 7.76
N TRP B 139 -19.99 -12.51 7.76
CA TRP B 139 -19.93 -13.99 7.83
C TRP B 139 -21.23 -14.50 7.26
N ARG B 140 -21.13 -15.23 6.16
CA ARG B 140 -22.31 -15.63 5.46
C ARG B 140 -22.06 -16.84 4.57
N TYR B 141 -23.02 -17.75 4.54
CA TYR B 141 -23.06 -18.82 3.59
C TYR B 141 -24.14 -18.56 2.55
N ARG B 142 -23.79 -18.66 1.28
CA ARG B 142 -24.77 -18.56 0.19
C ARG B 142 -24.79 -19.80 -0.67
N ALA B 143 -25.98 -20.35 -0.87
CA ALA B 143 -26.16 -21.55 -1.67
C ALA B 143 -26.76 -21.18 -3.03
N GLY B 144 -26.41 -21.93 -4.06
CA GLY B 144 -27.18 -21.86 -5.30
C GLY B 144 -26.91 -20.64 -6.15
N LEU B 145 -25.65 -20.18 -6.15
CA LEU B 145 -25.20 -19.04 -6.95
C LEU B 145 -25.05 -19.46 -8.39
N ALA B 146 -25.33 -18.54 -9.31
N ALA B 146 -25.25 -18.49 -9.29
CA ALA B 146 -25.24 -18.84 -10.74
CA ALA B 146 -25.23 -18.69 -10.74
C ALA B 146 -23.87 -18.46 -11.30
C ALA B 146 -23.84 -18.98 -11.30
N ALA B 147 -22.79 -18.66 -10.52
CA ALA B 147 -21.40 -18.72 -11.03
C ALA B 147 -20.94 -20.19 -11.12
N SER B 148 -19.82 -20.45 -11.81
CA SER B 148 -19.31 -21.80 -11.98
C SER B 148 -17.81 -21.81 -11.77
N LEU B 149 -17.27 -22.93 -11.26
CA LEU B 149 -15.82 -23.16 -11.25
C LEU B 149 -15.36 -24.00 -12.44
N ALA B 150 -16.31 -24.58 -13.16
CA ALA B 150 -16.02 -25.39 -14.33
C ALA B 150 -16.48 -24.67 -15.60
N GLY B 151 -15.84 -24.99 -16.72
CA GLY B 151 -16.49 -24.74 -18.02
C GLY B 151 -16.00 -23.43 -18.59
N PRO B 152 -16.57 -23.03 -19.73
CA PRO B 152 -16.03 -21.83 -20.37
C PRO B 152 -16.28 -20.58 -19.59
N HIS B 153 -17.26 -20.62 -18.68
CA HIS B 153 -17.59 -19.43 -17.95
C HIS B 153 -17.07 -19.42 -16.51
N SER B 154 -16.01 -20.16 -16.25
CA SER B 154 -15.47 -20.33 -14.89
C SER B 154 -15.00 -19.04 -14.31
N ILE B 155 -15.24 -18.86 -13.02
CA ILE B 155 -14.67 -17.72 -12.27
C ILE B 155 -13.24 -17.95 -11.72
N VAL B 156 -12.74 -19.18 -11.90
CA VAL B 156 -11.34 -19.49 -11.50
C VAL B 156 -10.40 -18.55 -12.26
N GLY B 157 -9.46 -17.96 -11.51
CA GLY B 157 -8.55 -16.98 -12.08
C GLY B 157 -9.09 -15.58 -12.26
N ARG B 158 -10.35 -15.36 -11.86
CA ARG B 158 -10.94 -14.02 -11.90
C ARG B 158 -10.85 -13.42 -10.49
N ALA B 159 -11.47 -12.27 -10.27
CA ALA B 159 -11.26 -11.52 -9.01
C ALA B 159 -12.56 -11.46 -8.22
N VAL B 160 -12.51 -11.67 -6.91
CA VAL B 160 -13.60 -11.29 -6.03
C VAL B 160 -13.21 -9.89 -5.50
N VAL B 161 -14.16 -8.97 -5.52
CA VAL B 161 -13.93 -7.58 -5.08
C VAL B 161 -14.97 -7.21 -4.05
N VAL B 162 -14.53 -6.71 -2.91
CA VAL B 162 -15.38 -6.26 -1.85
C VAL B 162 -15.39 -4.72 -1.88
N HIS B 163 -16.60 -4.16 -1.78
CA HIS B 163 -16.76 -2.71 -1.94
C HIS B 163 -17.07 -2.01 -0.64
N ALA B 164 -16.90 -0.68 -0.63
CA ALA B 164 -17.20 0.14 0.52
C ALA B 164 -18.68 0.39 0.71
N GLY B 165 -19.46 0.27 -0.36
CA GLY B 165 -20.86 0.59 -0.27
C GLY B 165 -21.78 -0.57 -0.62
N GLU B 166 -23.06 -0.20 -0.70
CA GLU B 166 -24.14 -1.14 -0.93
C GLU B 166 -24.45 -1.17 -2.43
N ASP B 167 -24.72 -2.36 -2.95
CA ASP B 167 -25.12 -2.58 -4.34
C ASP B 167 -26.59 -2.11 -4.50
N ASP B 168 -26.86 -1.21 -5.46
CA ASP B 168 -28.23 -0.73 -5.68
C ASP B 168 -29.09 -1.72 -6.52
N LEU B 169 -28.46 -2.83 -6.86
CA LEU B 169 -29.13 -3.98 -7.52
C LEU B 169 -29.90 -3.61 -8.78
N GLY B 170 -29.37 -2.65 -9.51
CA GLY B 170 -29.93 -2.25 -10.75
C GLY B 170 -31.08 -1.29 -10.58
N ARG B 171 -31.32 -0.81 -9.35
CA ARG B 171 -32.44 0.10 -9.05
C ARG B 171 -32.04 1.53 -8.70
N GLY B 172 -30.84 1.94 -9.12
CA GLY B 172 -30.31 3.29 -8.85
C GLY B 172 -30.72 4.40 -9.77
N GLY B 173 -31.32 4.05 -10.92
CA GLY B 173 -31.89 5.06 -11.82
C GLY B 173 -30.89 5.69 -12.78
N ASN B 174 -29.77 5.04 -13.00
CA ASN B 174 -28.75 5.52 -13.95
C ASN B 174 -28.03 4.38 -14.63
N GLN B 175 -27.19 4.73 -15.59
CA GLN B 175 -26.58 3.69 -16.42
C GLN B 175 -25.71 2.75 -15.63
N ALA B 176 -24.92 3.30 -14.71
CA ALA B 176 -23.99 2.54 -13.87
C ALA B 176 -24.70 1.47 -13.07
N SER B 177 -25.93 1.77 -12.67
CA SER B 177 -26.70 0.88 -11.83
C SER B 177 -26.85 -0.51 -12.48
N VAL B 178 -27.06 -0.55 -13.80
CA VAL B 178 -27.27 -1.83 -14.53
C VAL B 178 -25.94 -2.40 -15.12
N GLU B 179 -24.84 -1.73 -14.81
CA GLU B 179 -23.50 -2.23 -15.13
C GLU B 179 -22.80 -2.76 -13.88
N ASN B 180 -22.89 -1.99 -12.78
CA ASN B 180 -22.19 -2.37 -11.56
C ASN B 180 -22.84 -2.15 -10.22
N GLY B 181 -24.02 -1.51 -10.20
CA GLY B 181 -24.79 -1.35 -8.99
C GLY B 181 -24.32 -0.20 -8.08
N ASN B 182 -23.42 0.66 -8.55
CA ASN B 182 -23.07 1.87 -7.79
C ASN B 182 -22.63 1.54 -6.34
N ALA B 183 -21.80 0.49 -6.22
CA ALA B 183 -21.42 -0.04 -4.89
C ALA B 183 -20.22 0.67 -4.28
N GLY B 184 -19.80 1.79 -4.85
CA GLY B 184 -18.69 2.53 -4.25
C GLY B 184 -17.33 1.89 -4.48
N ARG B 185 -16.37 2.41 -3.72
CA ARG B 185 -14.99 2.08 -4.01
CA ARG B 185 -14.96 2.07 -3.94
C ARG B 185 -14.64 0.61 -3.76
N ARG B 186 -13.62 0.17 -4.45
CA ARG B 186 -13.14 -1.23 -4.35
C ARG B 186 -12.10 -1.26 -3.18
N LEU B 187 -12.43 -1.92 -2.08
CA LEU B 187 -11.61 -1.96 -0.87
C LEU B 187 -10.63 -3.14 -0.81
N ALA B 188 -11.06 -4.33 -1.27
CA ALA B 188 -10.30 -5.54 -1.03
C ALA B 188 -10.65 -6.55 -2.11
N CYS B 189 -9.71 -7.43 -2.42
CA CYS B 189 -9.92 -8.34 -3.53
C CYS B 189 -8.89 -9.46 -3.47
N CYS B 190 -9.09 -10.41 -4.36
CA CYS B 190 -8.22 -11.58 -4.46
C CYS B 190 -8.50 -12.27 -5.78
N VAL B 191 -7.56 -13.12 -6.20
CA VAL B 191 -7.73 -13.94 -7.39
C VAL B 191 -8.28 -15.31 -6.97
N VAL B 192 -9.30 -15.79 -7.64
CA VAL B 192 -9.93 -17.07 -7.24
C VAL B 192 -8.99 -18.20 -7.65
N GLY B 193 -8.60 -19.00 -6.65
CA GLY B 193 -7.69 -20.11 -6.82
C GLY B 193 -8.30 -21.49 -6.64
N VAL B 194 -7.80 -22.44 -7.40
CA VAL B 194 -8.18 -23.85 -7.26
C VAL B 194 -7.62 -24.34 -5.92
N CYS B 195 -8.42 -25.00 -5.13
CA CYS B 195 -7.91 -25.51 -3.84
C CYS B 195 -8.44 -26.87 -3.55
N GLY B 196 -7.94 -27.49 -2.46
CA GLY B 196 -8.38 -28.81 -2.08
C GLY B 196 -9.64 -28.70 -1.20
N PRO B 197 -10.19 -29.85 -0.74
CA PRO B 197 -11.42 -29.90 0.10
C PRO B 197 -11.23 -29.37 1.52
N GLY B 198 -9.98 -29.24 1.97
CA GLY B 198 -9.70 -28.96 3.39
C GLY B 198 -10.27 -27.69 3.96
N LEU B 199 -10.13 -26.57 3.25
CA LEU B 199 -10.61 -25.27 3.73
C LEU B 199 -12.12 -25.25 3.98
N TRP B 200 -12.85 -25.88 3.05
CA TRP B 200 -14.30 -25.89 3.10
C TRP B 200 -14.76 -26.73 4.27
N GLU B 201 -14.08 -27.83 4.52
CA GLU B 201 -14.41 -28.70 5.64
C GLU B 201 -14.16 -27.99 6.99
N ARG B 202 -13.11 -27.19 7.08
CA ARG B 202 -12.71 -26.57 8.34
C ARG B 202 -13.36 -25.19 8.61
N GLN B 203 -13.74 -24.51 7.66
CA GLN B 203 -14.17 -23.09 7.73
C GLN B 203 -15.72 -22.95 7.62
N ALA B 204 -16.36 -23.91 6.94
CA ALA B 204 -17.79 -24.27 7.19
C ALA B 204 -18.79 -23.17 6.78
N ASP C 38 4.95 30.03 27.80
CA ASP C 38 6.21 30.60 27.28
C ASP C 38 6.36 30.23 25.81
N GLY C 39 7.61 30.26 25.34
CA GLY C 39 7.96 29.76 24.02
C GLY C 39 8.07 28.25 23.99
N THR C 40 7.16 27.55 24.67
CA THR C 40 7.12 26.08 24.66
C THR C 40 6.84 25.67 23.25
N LEU C 41 7.40 24.54 22.83
CA LEU C 41 7.25 24.07 21.47
C LEU C 41 6.59 22.70 21.54
N HIS C 42 5.66 22.44 20.63
CA HIS C 42 5.02 21.16 20.52
C HIS C 42 5.11 20.64 19.08
N ALA C 43 5.24 19.33 18.96
CA ALA C 43 5.19 18.71 17.64
C ALA C 43 4.48 17.38 17.72
N ALA C 44 4.05 16.91 16.55
CA ALA C 44 3.27 15.65 16.52
C ALA C 44 3.67 14.89 15.29
N CYS C 45 3.46 13.58 15.33
CA CYS C 45 3.86 12.70 14.24
C CYS C 45 2.83 11.57 14.18
N GLN C 46 2.04 11.50 13.10
CA GLN C 46 0.95 10.54 12.96
C GLN C 46 1.50 9.30 12.30
N VAL C 47 1.99 8.39 13.14
CA VAL C 47 2.61 7.14 12.66
C VAL C 47 1.62 6.31 11.88
N GLN C 48 2.01 5.98 10.66
CA GLN C 48 1.16 5.17 9.79
CA GLN C 48 1.15 5.13 9.82
C GLN C 48 2.02 4.11 9.08
N PRO C 49 1.43 2.97 8.73
CA PRO C 49 2.22 1.99 7.98
C PRO C 49 2.86 2.55 6.71
N SER C 50 4.05 2.04 6.42
CA SER C 50 4.77 2.43 5.25
C SER C 50 3.91 2.21 4.05
N ALA C 51 3.87 3.20 3.15
CA ALA C 51 3.26 2.99 1.85
C ALA C 51 3.77 1.74 1.08
N THR C 52 4.98 1.29 1.36
N THR C 52 5.01 1.32 1.36
CA THR C 52 5.55 0.23 0.54
CA THR C 52 5.67 0.21 0.63
C THR C 52 5.63 -1.15 1.25
C THR C 52 5.47 -1.21 1.17
N LEU C 53 4.82 -1.34 2.33
CA LEU C 53 4.66 -2.67 2.96
C LEU C 53 3.99 -3.66 2.04
N ASP C 54 4.33 -4.92 2.19
CA ASP C 54 3.51 -5.99 1.58
C ASP C 54 2.37 -6.42 2.54
N ALA C 55 1.37 -7.22 2.06
CA ALA C 55 0.15 -7.54 2.87
C ALA C 55 0.38 -8.37 4.11
N ALA C 56 1.55 -9.05 4.17
CA ALA C 56 1.86 -9.89 5.27
C ALA C 56 2.55 -9.15 6.40
N GLN C 57 3.01 -7.91 6.18
CA GLN C 57 3.64 -7.15 7.23
C GLN C 57 2.61 -6.50 8.19
N PRO C 58 2.96 -6.38 9.49
CA PRO C 58 2.03 -5.75 10.45
C PRO C 58 1.84 -4.31 10.10
N ARG C 59 0.65 -3.80 10.44
CA ARG C 59 0.32 -2.42 10.19
C ARG C 59 0.21 -1.64 11.52
N VAL C 60 1.23 -0.86 11.77
CA VAL C 60 1.43 -0.16 13.01
C VAL C 60 1.00 1.32 12.82
N THR C 61 0.16 1.78 13.75
CA THR C 61 -0.42 3.14 13.67
C THR C 61 -0.33 3.73 15.05
N GLY C 62 -0.32 5.05 15.10
CA GLY C 62 -0.47 5.74 16.37
C GLY C 62 0.12 7.14 16.27
N VAL C 63 0.62 7.61 17.38
CA VAL C 63 1.05 8.99 17.49
C VAL C 63 2.35 9.01 18.30
N VAL C 64 3.26 9.87 17.86
CA VAL C 64 4.42 10.31 18.71
C VAL C 64 4.25 11.84 18.91
N LEU C 65 4.24 12.30 20.17
CA LEU C 65 4.08 13.71 20.49
C LEU C 65 5.36 14.19 21.14
N PHE C 66 5.71 15.45 20.86
CA PHE C 66 6.91 16.02 21.40
C PHE C 66 6.55 17.35 22.10
N ARG C 67 7.27 17.65 23.18
CA ARG C 67 7.11 18.95 23.89
C ARG C 67 8.47 19.36 24.36
N GLN C 68 8.81 20.63 24.14
CA GLN C 68 10.05 21.20 24.60
C GLN C 68 9.76 22.58 25.21
N LEU C 69 10.19 22.75 26.46
CA LEU C 69 9.83 23.97 27.22
C LEU C 69 10.41 25.25 26.64
N ALA C 70 11.63 25.15 26.11
CA ALA C 70 12.29 26.27 25.42
C ALA C 70 13.38 25.66 24.55
N PRO C 71 13.90 26.40 23.55
CA PRO C 71 14.97 25.87 22.70
C PRO C 71 16.13 25.23 23.47
N ARG C 72 16.50 25.82 24.58
CA ARG C 72 17.58 25.30 25.39
C ARG C 72 17.23 23.97 26.07
N ALA C 73 15.94 23.67 26.23
CA ALA C 73 15.52 22.60 27.15
C ALA C 73 15.58 21.26 26.46
N LYS C 74 15.64 20.20 27.27
CA LYS C 74 15.61 18.86 26.73
C LYS C 74 14.20 18.59 26.18
N LEU C 75 14.08 17.56 25.38
CA LEU C 75 12.83 17.22 24.69
C LEU C 75 12.14 16.08 25.43
N ASP C 76 10.83 16.21 25.64
CA ASP C 76 10.03 15.11 26.13
C ASP C 76 9.20 14.56 25.01
N ALA C 77 8.90 13.27 25.07
CA ALA C 77 8.18 12.62 23.97
C ALA C 77 7.20 11.57 24.53
N PHE C 78 6.12 11.32 23.80
CA PHE C 78 5.11 10.35 24.23
C PHE C 78 4.82 9.50 22.98
N PHE C 79 4.80 8.18 23.14
CA PHE C 79 4.69 7.21 22.07
C PHE C 79 3.50 6.34 22.39
N ALA C 80 2.55 6.29 21.46
CA ALA C 80 1.39 5.47 21.66
C ALA C 80 1.09 4.82 20.31
N LEU C 81 1.45 3.55 20.20
CA LEU C 81 1.26 2.79 18.96
C LEU C 81 0.52 1.48 19.17
N GLU C 82 -0.16 1.01 18.09
CA GLU C 82 -0.77 -0.31 18.10
CA GLU C 82 -0.86 -0.27 18.08
C GLU C 82 -0.58 -0.98 16.73
N GLY C 83 -0.88 -2.29 16.68
CA GLY C 83 -0.83 -3.02 15.41
C GLY C 83 0.36 -3.96 15.26
N PHE C 84 1.21 -4.06 16.29
CA PHE C 84 2.27 -5.07 16.29
C PHE C 84 1.67 -6.43 16.40
N PRO C 85 2.39 -7.45 15.88
CA PRO C 85 1.94 -8.79 16.13
C PRO C 85 1.71 -9.05 17.64
N THR C 86 0.65 -9.79 17.95
CA THR C 86 0.31 -10.16 19.34
C THR C 86 0.99 -11.46 19.79
N GLU C 87 1.41 -12.29 18.83
CA GLU C 87 2.27 -13.44 19.10
C GLU C 87 3.57 -13.06 18.42
N PRO C 88 4.66 -12.86 19.17
CA PRO C 88 4.79 -13.08 20.61
C PRO C 88 4.17 -11.94 21.42
N ASN C 89 3.36 -12.32 22.40
CA ASN C 89 2.99 -11.52 23.58
C ASN C 89 3.76 -10.23 23.86
N SER C 90 5.07 -10.39 24.04
CA SER C 90 5.93 -9.30 24.47
C SER C 90 7.14 -9.24 23.53
N SER C 91 7.45 -8.05 23.02
CA SER C 91 8.62 -7.82 22.16
C SER C 91 9.25 -6.43 22.41
N SER C 92 10.37 -6.16 21.74
CA SER C 92 11.11 -4.91 21.90
C SER C 92 11.38 -4.37 20.50
N ARG C 93 11.04 -3.10 20.25
CA ARG C 93 11.07 -2.53 18.88
C ARG C 93 11.74 -1.15 18.89
N ALA C 94 12.52 -0.85 17.84
CA ALA C 94 13.32 0.40 17.78
C ALA C 94 12.49 1.50 17.16
N ILE C 95 12.72 2.74 17.63
CA ILE C 95 12.21 3.92 16.97
C ILE C 95 13.33 4.95 16.84
N HIS C 96 13.46 5.55 15.66
CA HIS C 96 14.51 6.54 15.38
C HIS C 96 13.96 7.73 14.60
N VAL C 97 14.69 8.82 14.59
CA VAL C 97 14.46 9.89 13.66
C VAL C 97 15.37 9.69 12.48
N HIS C 98 14.78 9.72 11.29
CA HIS C 98 15.55 9.65 10.07
C HIS C 98 15.59 11.02 9.40
N GLN C 99 16.54 11.17 8.50
CA GLN C 99 16.95 12.52 8.01
C GLN C 99 15.85 13.26 7.31
N PHE C 100 15.12 12.55 6.46
CA PHE C 100 14.12 13.22 5.56
C PHE C 100 12.68 12.88 5.82
N GLY C 101 11.81 13.89 5.87
CA GLY C 101 10.37 13.72 5.99
C GLY C 101 9.84 13.49 4.60
N ASP C 102 10.32 12.39 4.00
CA ASP C 102 10.05 12.09 2.59
C ASP C 102 9.39 10.71 2.55
N LEU C 103 8.07 10.72 2.39
CA LEU C 103 7.26 9.49 2.36
C LEU C 103 6.88 9.03 0.95
N SER C 104 7.60 9.50 -0.07
CA SER C 104 7.37 9.17 -1.47
C SER C 104 7.46 7.67 -1.72
N GLN C 105 8.39 7.01 -1.02
CA GLN C 105 8.55 5.53 -1.09
C GLN C 105 8.30 5.00 0.29
N GLY C 106 7.22 5.45 0.92
CA GLY C 106 6.97 5.12 2.31
C GLY C 106 8.17 5.43 3.20
N CYS C 107 8.43 4.55 4.15
CA CYS C 107 9.51 4.74 5.11
C CYS C 107 10.85 4.63 4.43
N GLU C 108 10.90 4.02 3.23
CA GLU C 108 12.17 3.75 2.59
C GLU C 108 12.89 5.02 2.14
N SER C 109 12.15 6.08 1.83
CA SER C 109 12.67 7.32 1.30
C SER C 109 13.10 8.33 2.40
N THR C 110 13.03 7.92 3.67
CA THR C 110 13.30 8.83 4.78
C THR C 110 14.78 8.93 5.05
N GLY C 111 15.59 8.16 4.35
CA GLY C 111 17.03 8.32 4.44
C GLY C 111 17.63 7.64 5.64
N PRO C 112 18.88 7.98 5.93
CA PRO C 112 19.53 7.38 7.11
C PRO C 112 19.14 8.10 8.39
N HIS C 113 19.76 7.73 9.52
CA HIS C 113 19.47 8.41 10.78
C HIS C 113 19.88 9.85 10.63
N TYR C 114 19.08 10.74 11.20
CA TYR C 114 19.45 12.15 11.28
C TYR C 114 20.70 12.32 12.19
N ASN C 115 21.75 12.90 11.63
CA ASN C 115 23.06 12.91 12.28
C ASN C 115 23.77 14.25 11.98
N PRO C 116 23.23 15.35 12.51
CA PRO C 116 23.77 16.68 12.24
C PRO C 116 25.13 16.94 12.86
N LEU C 117 25.46 16.23 13.93
CA LEU C 117 26.73 16.44 14.65
C LEU C 117 27.78 15.40 14.22
N ALA C 118 27.43 14.52 13.27
CA ALA C 118 28.39 13.59 12.71
C ALA C 118 28.99 12.68 13.81
N VAL C 119 28.12 11.96 14.50
CA VAL C 119 28.54 11.04 15.54
C VAL C 119 27.96 9.65 15.22
N PRO C 120 28.57 8.61 15.77
CA PRO C 120 28.09 7.27 15.48
C PRO C 120 26.78 6.96 16.15
N HIS C 121 26.09 5.99 15.59
CA HIS C 121 24.96 5.35 16.25
C HIS C 121 25.50 4.59 17.48
N PRO C 122 24.79 4.64 18.63
CA PRO C 122 23.49 5.27 18.90
C PRO C 122 23.54 6.66 19.55
N GLN C 123 24.41 7.55 19.11
CA GLN C 123 24.56 8.90 19.71
C GLN C 123 23.83 9.94 18.87
N HIS C 124 23.10 9.48 17.84
CA HIS C 124 22.27 10.42 17.01
C HIS C 124 21.15 11.03 17.85
N PRO C 125 20.76 12.30 17.56
CA PRO C 125 19.80 12.94 18.47
C PRO C 125 18.48 12.23 18.62
N GLY C 126 18.02 11.60 17.54
CA GLY C 126 16.78 10.89 17.54
C GLY C 126 16.88 9.39 17.66
N ASP C 127 17.97 8.89 18.23
CA ASP C 127 18.12 7.50 18.59
C ASP C 127 17.32 7.23 19.85
N PHE C 128 16.04 6.92 19.70
CA PHE C 128 15.16 6.76 20.89
C PHE C 128 15.27 5.37 21.54
N GLY C 129 15.88 4.42 20.85
CA GLY C 129 16.21 3.15 21.45
C GLY C 129 15.04 2.20 21.33
N ASN C 130 15.02 1.18 22.19
CA ASN C 130 14.00 0.11 22.09
C ASN C 130 12.83 0.36 23.03
N PHE C 131 11.66 -0.07 22.59
CA PHE C 131 10.42 0.10 23.35
C PHE C 131 9.73 -1.24 23.57
N ALA C 132 9.13 -1.40 24.74
CA ALA C 132 8.38 -2.58 25.13
C ALA C 132 7.05 -2.57 24.37
N VAL C 133 6.76 -3.68 23.73
CA VAL C 133 5.49 -3.89 23.10
C VAL C 133 4.77 -5.02 23.88
N ARG C 134 3.51 -4.80 24.25
CA ARG C 134 2.73 -5.77 25.03
C ARG C 134 1.39 -5.96 24.31
N ASP C 135 1.08 -7.20 23.95
CA ASP C 135 -0.21 -7.52 23.32
C ASP C 135 -0.47 -6.60 22.13
N GLY C 136 0.59 -6.30 21.37
CA GLY C 136 0.52 -5.56 20.12
C GLY C 136 0.61 -4.05 20.24
N SER C 137 0.74 -3.53 21.46
CA SER C 137 0.70 -2.10 21.70
CA SER C 137 0.77 -2.08 21.63
C SER C 137 1.96 -1.61 22.41
N LEU C 138 2.27 -0.36 22.19
CA LEU C 138 3.44 0.32 22.76
C LEU C 138 2.92 1.63 23.35
N TRP C 139 3.23 1.91 24.62
CA TRP C 139 2.72 3.11 25.27
C TRP C 139 3.81 3.54 26.23
N ARG C 140 4.43 4.68 25.94
CA ARG C 140 5.59 5.10 26.70
C ARG C 140 5.81 6.58 26.64
N TYR C 141 6.12 7.13 27.81
CA TYR C 141 6.62 8.46 27.96
C TYR C 141 8.16 8.43 28.08
N ARG C 142 8.82 9.38 27.41
CA ARG C 142 10.26 9.56 27.49
C ARG C 142 10.62 11.00 27.78
N ALA C 143 11.30 11.24 28.89
CA ALA C 143 11.72 12.60 29.21
C ALA C 143 13.21 12.76 28.96
N GLY C 144 13.61 14.03 28.75
CA GLY C 144 15.02 14.40 28.73
C GLY C 144 15.82 13.94 27.53
N LEU C 145 15.19 13.99 26.35
CA LEU C 145 15.82 13.49 25.11
C LEU C 145 16.79 14.52 24.54
N ALA C 146 17.76 14.07 23.75
CA ALA C 146 18.81 14.97 23.23
C ALA C 146 18.32 15.74 21.97
N ALA C 147 17.27 15.26 21.35
CA ALA C 147 16.71 15.91 20.17
C ALA C 147 16.08 17.28 20.52
N SER C 148 15.83 18.09 19.49
CA SER C 148 15.25 19.42 19.65
C SER C 148 14.24 19.72 18.56
N LEU C 149 13.25 20.54 18.88
CA LEU C 149 12.28 21.07 17.91
C LEU C 149 12.69 22.47 17.40
N ALA C 150 13.73 23.02 18.00
CA ALA C 150 14.22 24.34 17.68
C ALA C 150 15.65 24.29 17.14
N GLY C 151 16.02 25.34 16.44
CA GLY C 151 17.42 25.58 16.11
C GLY C 151 17.87 24.83 14.89
N PRO C 152 19.18 24.88 14.62
CA PRO C 152 19.64 24.34 13.35
C PRO C 152 19.50 22.84 13.28
N HIS C 153 19.46 22.16 14.42
CA HIS C 153 19.33 20.69 14.39
C HIS C 153 17.95 20.18 14.70
N SER C 154 16.94 20.99 14.37
CA SER C 154 15.55 20.64 14.66
C SER C 154 15.15 19.35 13.92
N ILE C 155 14.33 18.52 14.60
CA ILE C 155 13.73 17.33 13.97
C ILE C 155 12.38 17.64 13.30
N VAL C 156 11.93 18.88 13.41
CA VAL C 156 10.69 19.27 12.70
C VAL C 156 10.89 19.07 11.17
N GLY C 157 9.94 18.40 10.55
CA GLY C 157 10.01 18.17 9.10
C GLY C 157 10.78 16.91 8.77
N ARG C 158 11.34 16.25 9.79
CA ARG C 158 12.03 14.98 9.62
C ARG C 158 11.13 13.80 9.91
N ALA C 159 11.64 12.58 9.87
CA ALA C 159 10.78 11.40 9.99
C ALA C 159 10.99 10.63 11.25
N VAL C 160 9.94 10.14 11.90
CA VAL C 160 10.08 9.14 12.93
C VAL C 160 9.74 7.82 12.21
N VAL C 161 10.63 6.86 12.41
CA VAL C 161 10.54 5.52 11.81
C VAL C 161 10.51 4.47 12.91
N VAL C 162 9.52 3.56 12.84
CA VAL C 162 9.30 2.46 13.73
C VAL C 162 9.70 1.22 12.98
N HIS C 163 10.52 0.41 13.65
CA HIS C 163 11.14 -0.76 13.04
C HIS C 163 10.52 -2.09 13.52
N ALA C 164 10.78 -3.18 12.78
CA ALA C 164 10.28 -4.50 13.08
C ALA C 164 11.15 -5.17 14.13
N GLY C 165 12.39 -4.75 14.22
CA GLY C 165 13.29 -5.39 15.17
C GLY C 165 13.82 -4.48 16.25
N GLU C 166 14.83 -5.06 16.94
CA GLU C 166 15.47 -4.42 18.07
C GLU C 166 16.77 -3.76 17.58
N ASP C 167 17.06 -2.62 18.17
CA ASP C 167 18.28 -1.84 17.91
C ASP C 167 19.42 -2.46 18.69
N ASP C 168 20.55 -2.75 18.02
CA ASP C 168 21.70 -3.34 18.68
C ASP C 168 22.59 -2.35 19.43
N LEU C 169 22.21 -1.08 19.33
CA LEU C 169 22.83 0.03 20.06
C LEU C 169 24.34 0.10 19.77
N GLY C 170 24.69 -0.22 18.52
CA GLY C 170 26.11 -0.14 18.10
C GLY C 170 27.01 -1.25 18.55
N ARG C 171 26.41 -2.28 19.13
CA ARG C 171 27.11 -3.42 19.68
C ARG C 171 26.93 -4.70 18.85
N GLY C 172 26.64 -4.54 17.55
CA GLY C 172 26.36 -5.68 16.67
C GLY C 172 27.58 -6.25 15.97
N GLY C 173 28.71 -5.53 16.02
CA GLY C 173 29.93 -6.08 15.48
C GLY C 173 30.12 -5.90 13.97
N ASN C 174 29.33 -5.05 13.33
CA ASN C 174 29.52 -4.69 11.92
C ASN C 174 29.34 -3.20 11.66
N GLN C 175 29.65 -2.73 10.45
CA GLN C 175 29.53 -1.28 10.12
C GLN C 175 28.10 -0.75 10.29
N ALA C 176 27.10 -1.53 9.85
CA ALA C 176 25.71 -1.14 9.99
C ALA C 176 25.35 -0.83 11.44
N SER C 177 25.91 -1.60 12.35
CA SER C 177 25.59 -1.44 13.76
C SER C 177 25.84 -0.01 14.22
N VAL C 178 26.94 0.62 13.80
CA VAL C 178 27.30 1.97 14.27
C VAL C 178 26.80 3.07 13.33
N GLU C 179 26.03 2.64 12.34
CA GLU C 179 25.26 3.55 11.48
C GLU C 179 23.80 3.57 11.84
N ASN C 180 23.21 2.40 12.08
CA ASN C 180 21.80 2.33 12.39
C ASN C 180 21.25 1.30 13.31
N GLY C 181 22.09 0.44 13.86
CA GLY C 181 21.69 -0.46 14.91
C GLY C 181 21.08 -1.76 14.46
N ASN C 182 21.06 -2.03 13.14
CA ASN C 182 20.53 -3.31 12.64
C ASN C 182 19.13 -3.61 13.21
N ALA C 183 18.26 -2.59 13.18
CA ALA C 183 16.93 -2.74 13.80
C ALA C 183 15.88 -3.32 12.82
N GLY C 184 16.33 -3.80 11.68
CA GLY C 184 15.42 -4.47 10.76
C GLY C 184 14.58 -3.53 9.94
N ARG C 185 13.52 -4.10 9.42
CA ARG C 185 12.67 -3.39 8.46
CA ARG C 185 12.70 -3.39 8.44
C ARG C 185 11.93 -2.21 9.05
N ARG C 186 11.71 -1.24 8.19
CA ARG C 186 11.01 0.00 8.54
C ARG C 186 9.52 -0.26 8.33
N LEU C 187 8.76 -0.34 9.41
CA LEU C 187 7.31 -0.67 9.35
C LEU C 187 6.37 0.50 9.20
N ALA C 188 6.67 1.63 9.87
CA ALA C 188 5.71 2.74 9.96
C ALA C 188 6.48 4.00 10.24
N CYS C 189 5.96 5.11 9.75
CA CYS C 189 6.68 6.38 9.86
C CYS C 189 5.67 7.54 9.69
N CYS C 190 6.21 8.72 9.88
CA CYS C 190 5.44 9.97 9.78
C CYS C 190 6.43 11.11 9.73
N VAL C 191 5.96 12.26 9.28
CA VAL C 191 6.77 13.49 9.26
C VAL C 191 6.41 14.28 10.54
N VAL C 192 7.43 14.80 11.21
CA VAL C 192 7.22 15.53 12.44
C VAL C 192 6.69 16.92 12.05
N GLY C 193 5.51 17.24 12.58
CA GLY C 193 4.78 18.50 12.32
C GLY C 193 4.68 19.39 13.51
N VAL C 194 4.72 20.69 13.25
CA VAL C 194 4.43 21.70 14.28
C VAL C 194 2.98 21.53 14.74
N CYS C 195 2.74 21.47 16.04
CA CYS C 195 1.32 21.50 16.50
C CYS C 195 1.10 22.40 17.71
N GLY C 196 -0.17 22.62 18.04
CA GLY C 196 -0.53 23.37 19.25
C GLY C 196 -0.43 22.52 20.52
N PRO C 197 -0.63 23.15 21.67
CA PRO C 197 -0.57 22.43 22.98
C PRO C 197 -1.62 21.34 23.22
N GLY C 198 -2.70 21.34 22.45
CA GLY C 198 -3.85 20.42 22.67
C GLY C 198 -3.61 18.92 22.79
N LEU C 199 -2.85 18.33 21.84
CA LEU C 199 -2.66 16.88 21.80
C LEU C 199 -1.90 16.37 23.01
N TRP C 200 -0.95 17.14 23.47
CA TRP C 200 -0.06 16.70 24.51
C TRP C 200 -0.85 16.54 25.81
N GLU C 201 -1.87 17.40 25.97
CA GLU C 201 -2.69 17.40 27.21
C GLU C 201 -3.67 16.24 27.24
N ARG C 202 -4.43 16.06 26.17
CA ARG C 202 -5.37 14.93 26.10
C ARG C 202 -4.50 13.67 26.15
N GLN C 203 -3.36 13.76 25.46
CA GLN C 203 -2.28 12.76 25.48
C GLN C 203 -2.40 11.80 24.31
N ALA C 204 -2.61 12.35 23.12
CA ALA C 204 -2.48 11.59 21.88
C ALA C 204 -3.52 12.01 20.86
N ASP D 37 21.58 20.46 -4.25
CA ASP D 37 21.82 21.73 -3.51
C ASP D 37 23.29 22.07 -3.11
N ASP D 38 23.50 23.24 -2.52
CA ASP D 38 24.45 23.33 -1.35
C ASP D 38 23.75 23.90 -0.09
N GLY D 39 23.45 25.20 -0.08
CA GLY D 39 22.50 25.82 0.86
C GLY D 39 21.10 25.82 0.23
N THR D 40 20.94 25.01 -0.81
CA THR D 40 19.66 24.89 -1.50
C THR D 40 18.86 24.01 -0.56
N LEU D 41 17.59 24.35 -0.41
CA LEU D 41 16.68 23.58 0.42
C LEU D 41 15.61 22.95 -0.46
N HIS D 42 15.25 21.74 -0.09
CA HIS D 42 14.16 20.97 -0.72
C HIS D 42 13.17 20.49 0.34
N ALA D 43 11.89 20.42 -0.02
CA ALA D 43 10.90 19.81 0.87
C ALA D 43 9.89 19.07 -0.01
N ALA D 44 9.16 18.21 0.66
CA ALA D 44 8.18 17.35 -0.03
C ALA D 44 6.96 17.17 0.86
N CYS D 45 5.81 16.89 0.22
CA CYS D 45 4.57 16.79 0.97
C CYS D 45 3.70 15.72 0.27
N GLN D 46 3.48 14.58 0.94
CA GLN D 46 2.75 13.44 0.36
C GLN D 46 1.27 13.57 0.64
N VAL D 47 0.61 14.20 -0.32
CA VAL D 47 -0.84 14.53 -0.19
C VAL D 47 -1.67 13.25 -0.10
N GLN D 48 -2.43 13.15 1.00
CA GLN D 48 -3.30 12.02 1.24
C GLN D 48 -4.71 12.46 1.65
N PRO D 49 -5.71 11.67 1.29
CA PRO D 49 -7.09 12.06 1.67
C PRO D 49 -7.29 12.24 3.17
N SER D 50 -8.10 13.22 3.54
CA SER D 50 -8.35 13.45 4.94
C SER D 50 -9.03 12.22 5.60
N ALA D 51 -8.59 11.87 6.81
CA ALA D 51 -9.30 10.84 7.61
C ALA D 51 -10.82 11.10 7.87
N THR D 52 -11.26 12.34 7.73
CA THR D 52 -12.62 12.72 8.04
C THR D 52 -13.58 12.73 6.82
N LEU D 53 -13.11 12.36 5.64
CA LEU D 53 -13.99 12.39 4.49
C LEU D 53 -15.15 11.41 4.59
N ASP D 54 -16.29 11.79 3.97
CA ASP D 54 -17.42 10.93 3.71
CA ASP D 54 -17.34 10.80 3.78
C ASP D 54 -17.20 10.17 2.40
N ALA D 55 -17.92 9.07 2.24
CA ALA D 55 -17.83 8.29 1.02
C ALA D 55 -18.05 9.09 -0.27
N ALA D 56 -18.94 10.09 -0.24
CA ALA D 56 -19.24 10.88 -1.45
C ALA D 56 -18.13 11.81 -1.93
N GLN D 57 -17.16 12.08 -1.10
CA GLN D 57 -16.10 13.04 -1.45
C GLN D 57 -14.96 12.40 -2.25
N PRO D 58 -14.32 13.15 -3.14
CA PRO D 58 -13.20 12.56 -3.85
C PRO D 58 -12.03 12.27 -2.92
N ARG D 59 -11.22 11.30 -3.34
CA ARG D 59 -10.01 10.93 -2.59
C ARG D 59 -8.77 11.31 -3.40
N VAL D 60 -8.17 12.41 -3.02
CA VAL D 60 -7.10 13.04 -3.76
C VAL D 60 -5.73 12.64 -3.17
N THR D 61 -4.85 12.25 -4.07
CA THR D 61 -3.51 11.80 -3.68
C THR D 61 -2.49 12.49 -4.53
N GLY D 62 -1.24 12.56 -4.07
CA GLY D 62 -0.22 13.13 -4.88
C GLY D 62 0.96 13.63 -4.10
N VAL D 63 1.70 14.51 -4.75
CA VAL D 63 2.89 15.10 -4.15
C VAL D 63 2.94 16.57 -4.44
N VAL D 64 3.44 17.29 -3.46
CA VAL D 64 3.83 18.68 -3.65
C VAL D 64 5.32 18.75 -3.28
N LEU D 65 6.12 19.25 -4.21
CA LEU D 65 7.58 19.42 -3.99
C LEU D 65 7.87 20.91 -3.89
N PHE D 66 8.88 21.25 -3.08
CA PHE D 66 9.34 22.64 -2.92
C PHE D 66 10.86 22.69 -3.08
N ARG D 67 11.36 23.79 -3.65
CA ARG D 67 12.80 23.99 -3.81
C ARG D 67 13.08 25.47 -3.64
N GLN D 68 14.12 25.79 -2.87
CA GLN D 68 14.44 27.18 -2.59
C GLN D 68 15.97 27.30 -2.62
N LEU D 69 16.45 28.17 -3.47
CA LEU D 69 17.92 28.30 -3.74
C LEU D 69 18.68 29.01 -2.61
N ALA D 70 18.01 29.89 -1.88
CA ALA D 70 18.63 30.65 -0.79
C ALA D 70 17.49 31.13 0.18
N PRO D 71 17.82 31.37 1.45
CA PRO D 71 16.72 31.82 2.39
C PRO D 71 15.89 33.00 1.91
N ARG D 72 16.52 33.93 1.20
CA ARG D 72 15.83 35.13 0.71
C ARG D 72 15.15 34.91 -0.66
N ALA D 73 15.38 33.75 -1.28
CA ALA D 73 14.81 33.46 -2.60
C ALA D 73 13.35 33.12 -2.47
N LYS D 74 12.58 33.49 -3.47
CA LYS D 74 11.20 32.99 -3.60
CA LYS D 74 11.21 32.99 -3.57
C LYS D 74 11.25 31.48 -3.84
N LEU D 75 10.20 30.82 -3.44
CA LEU D 75 10.09 29.39 -3.44
C LEU D 75 9.56 28.89 -4.79
N ASP D 76 10.11 27.80 -5.29
CA ASP D 76 9.56 27.12 -6.45
C ASP D 76 8.82 25.87 -5.97
N ALA D 77 7.71 25.54 -6.64
CA ALA D 77 6.94 24.37 -6.28
C ALA D 77 6.45 23.60 -7.48
N PHE D 78 6.19 22.32 -7.22
CA PHE D 78 5.63 21.43 -8.21
C PHE D 78 4.48 20.69 -7.55
N PHE D 79 3.35 20.60 -8.26
CA PHE D 79 2.12 19.99 -7.72
C PHE D 79 1.70 18.91 -8.66
N ALA D 80 1.57 17.69 -8.18
CA ALA D 80 1.04 16.62 -9.02
C ALA D 80 0.00 15.77 -8.24
N LEU D 81 -1.27 16.04 -8.51
CA LEU D 81 -2.35 15.36 -7.83
C LEU D 81 -3.27 14.57 -8.78
N GLU D 82 -3.87 13.54 -8.22
CA GLU D 82 -4.89 12.75 -8.92
C GLU D 82 -6.06 12.42 -8.00
N GLY D 83 -7.14 11.94 -8.59
CA GLY D 83 -8.29 11.49 -7.80
C GLY D 83 -9.46 12.46 -7.69
N PHE D 84 -9.41 13.56 -8.40
CA PHE D 84 -10.60 14.41 -8.57
C PHE D 84 -11.60 13.75 -9.53
N PRO D 85 -12.87 14.16 -9.45
CA PRO D 85 -13.87 13.59 -10.35
C PRO D 85 -13.52 13.92 -11.77
N THR D 86 -13.79 13.00 -12.69
CA THR D 86 -13.54 13.22 -14.10
C THR D 86 -14.77 13.83 -14.79
N GLU D 87 -15.91 13.76 -14.09
CA GLU D 87 -17.15 14.45 -14.45
C GLU D 87 -17.54 15.31 -13.24
N PRO D 88 -17.46 16.64 -13.35
CA PRO D 88 -17.16 17.43 -14.55
C PRO D 88 -15.72 17.25 -15.06
N ASN D 89 -15.50 17.58 -16.34
CA ASN D 89 -14.17 17.48 -16.93
C ASN D 89 -13.20 18.43 -16.26
N SER D 90 -13.62 19.69 -16.12
CA SER D 90 -12.76 20.74 -15.55
C SER D 90 -13.17 21.10 -14.12
N SER D 91 -12.24 21.71 -13.40
CA SER D 91 -12.51 22.33 -12.10
C SER D 91 -11.29 23.18 -11.74
N SER D 92 -11.49 24.14 -10.84
CA SER D 92 -10.42 24.97 -10.28
C SER D 92 -10.41 24.71 -8.77
N ARG D 93 -9.25 24.33 -8.23
CA ARG D 93 -9.17 23.93 -6.82
C ARG D 93 -8.02 24.69 -6.15
N ALA D 94 -8.29 25.13 -4.92
CA ALA D 94 -7.35 25.90 -4.14
C ALA D 94 -6.41 24.99 -3.36
N ILE D 95 -5.16 25.45 -3.20
CA ILE D 95 -4.20 24.79 -2.34
C ILE D 95 -3.51 25.83 -1.49
N HIS D 96 -3.43 25.59 -0.18
CA HIS D 96 -2.79 26.57 0.70
C HIS D 96 -1.93 25.87 1.77
N VAL D 97 -1.08 26.65 2.46
CA VAL D 97 -0.41 26.20 3.70
C VAL D 97 -1.24 26.59 4.93
N HIS D 98 -1.48 25.60 5.80
CA HIS D 98 -2.18 25.78 7.05
C HIS D 98 -1.17 25.67 8.18
N GLN D 99 -1.55 26.29 9.29
CA GLN D 99 -0.61 26.52 10.35
C GLN D 99 0.10 25.31 10.94
N PHE D 100 -0.61 24.20 11.17
CA PHE D 100 -0.07 23.11 11.97
C PHE D 100 0.02 21.83 11.13
N GLY D 101 1.17 21.16 11.20
CA GLY D 101 1.28 19.82 10.58
C GLY D 101 0.74 18.77 11.49
N ASP D 102 -0.57 18.89 11.80
CA ASP D 102 -1.23 18.07 12.79
C ASP D 102 -2.35 17.35 12.07
N LEU D 103 -2.09 16.09 11.72
CA LEU D 103 -3.04 15.25 11.00
C LEU D 103 -3.84 14.33 11.91
N SER D 104 -4.01 14.68 13.19
CA SER D 104 -4.73 13.84 14.20
C SER D 104 -6.22 13.70 13.87
N GLN D 105 -6.79 14.73 13.24
CA GLN D 105 -8.18 14.69 12.77
CA GLN D 105 -8.18 14.74 12.77
C GLN D 105 -8.19 14.99 11.27
N GLY D 106 -7.43 14.21 10.54
CA GLY D 106 -7.21 14.45 9.10
C GLY D 106 -6.81 15.88 8.87
N CYS D 107 -7.42 16.53 7.87
CA CYS D 107 -7.01 17.86 7.46
C CYS D 107 -7.63 18.92 8.40
N GLU D 108 -8.59 18.51 9.20
CA GLU D 108 -9.37 19.44 10.02
C GLU D 108 -8.56 20.03 11.14
N SER D 109 -7.56 19.27 11.58
CA SER D 109 -6.71 19.67 12.71
C SER D 109 -5.48 20.56 12.33
N THR D 110 -5.36 20.95 11.07
CA THR D 110 -4.26 21.73 10.60
C THR D 110 -4.41 23.23 10.83
N GLY D 111 -5.55 23.67 11.39
CA GLY D 111 -5.62 25.08 11.75
C GLY D 111 -6.00 25.95 10.56
N PRO D 112 -5.91 27.26 10.76
CA PRO D 112 -6.16 28.26 9.74
C PRO D 112 -5.00 28.39 8.80
N HIS D 113 -5.12 29.25 7.81
CA HIS D 113 -4.00 29.55 6.91
C HIS D 113 -2.81 30.04 7.73
N TYR D 114 -1.60 29.58 7.41
CA TYR D 114 -0.43 30.02 8.11
C TYR D 114 -0.23 31.53 7.87
N ASN D 115 -0.13 32.27 8.95
CA ASN D 115 -0.27 33.73 8.86
C ASN D 115 0.60 34.43 9.88
N PRO D 116 1.92 34.27 9.76
CA PRO D 116 2.89 34.82 10.74
C PRO D 116 2.93 36.32 10.78
N LEU D 117 2.56 36.98 9.68
CA LEU D 117 2.51 38.43 9.64
C LEU D 117 1.09 39.04 9.85
N ALA D 118 0.09 38.23 10.12
CA ALA D 118 -1.24 38.71 10.56
C ALA D 118 -1.84 39.68 9.54
N VAL D 119 -1.99 39.17 8.32
CA VAL D 119 -2.56 39.91 7.19
C VAL D 119 -3.71 39.07 6.65
N PRO D 120 -4.63 39.72 5.92
CA PRO D 120 -5.77 39.02 5.31
C PRO D 120 -5.37 38.12 4.15
N HIS D 121 -6.16 37.07 3.95
CA HIS D 121 -6.17 36.33 2.70
C HIS D 121 -6.47 37.33 1.59
N PRO D 122 -5.77 37.22 0.45
CA PRO D 122 -4.82 36.23 0.02
C PRO D 122 -3.35 36.65 0.14
N GLN D 123 -3.00 37.32 1.25
CA GLN D 123 -1.65 37.82 1.45
C GLN D 123 -0.80 36.84 2.30
N HIS D 124 -1.34 35.67 2.60
CA HIS D 124 -0.62 34.69 3.45
C HIS D 124 0.50 34.07 2.62
N PRO D 125 1.61 33.75 3.27
CA PRO D 125 2.76 33.33 2.45
C PRO D 125 2.51 32.04 1.65
N GLY D 126 1.71 31.15 2.21
CA GLY D 126 1.33 29.91 1.54
C GLY D 126 0.01 29.92 0.76
N ASP D 127 -0.48 31.10 0.42
CA ASP D 127 -1.66 31.24 -0.44
C ASP D 127 -1.26 30.96 -1.87
N PHE D 128 -1.25 29.69 -2.25
CA PHE D 128 -0.72 29.26 -3.57
C PHE D 128 -1.70 29.49 -4.70
N GLY D 129 -2.97 29.76 -4.35
CA GLY D 129 -4.01 30.07 -5.33
C GLY D 129 -4.71 28.86 -5.92
N ASN D 130 -5.24 29.04 -7.12
CA ASN D 130 -6.07 28.01 -7.75
C ASN D 130 -5.30 27.23 -8.80
N PHE D 131 -5.69 25.96 -8.96
CA PHE D 131 -5.08 25.04 -9.89
C PHE D 131 -6.14 24.40 -10.77
N ALA D 132 -5.87 24.36 -12.07
CA ALA D 132 -6.78 23.78 -13.04
C ALA D 132 -6.68 22.25 -12.99
N VAL D 133 -7.79 21.60 -12.63
CA VAL D 133 -7.85 20.16 -12.72
C VAL D 133 -8.52 19.80 -14.02
N ARG D 134 -7.95 18.84 -14.75
CA ARG D 134 -8.59 18.31 -15.95
C ARG D 134 -8.45 16.79 -16.02
N ASP D 135 -9.54 16.14 -16.34
CA ASP D 135 -9.66 14.68 -16.38
C ASP D 135 -9.18 14.07 -15.04
N GLY D 136 -9.42 14.80 -13.97
CA GLY D 136 -9.21 14.32 -12.62
C GLY D 136 -7.82 14.50 -12.04
N SER D 137 -6.94 15.14 -12.78
CA SER D 137 -5.55 15.30 -12.38
C SER D 137 -5.16 16.73 -12.43
N LEU D 138 -4.08 16.98 -11.73
CA LEU D 138 -3.49 18.30 -11.58
C LEU D 138 -1.97 18.08 -11.76
N TRP D 139 -1.35 18.86 -12.62
CA TRP D 139 0.09 18.77 -12.85
C TRP D 139 0.60 20.17 -13.19
N ARG D 140 1.28 20.80 -12.25
CA ARG D 140 1.65 22.20 -12.41
C ARG D 140 2.94 22.58 -11.68
N TYR D 141 3.85 23.31 -12.36
CA TYR D 141 4.94 24.04 -11.71
C TYR D 141 4.46 25.43 -11.36
N ARG D 142 4.85 25.93 -10.20
CA ARG D 142 4.66 27.35 -9.82
C ARG D 142 5.97 27.90 -9.32
N ALA D 143 6.42 28.96 -9.94
CA ALA D 143 7.66 29.59 -9.50
C ALA D 143 7.30 30.84 -8.77
N GLY D 144 8.20 31.32 -7.94
CA GLY D 144 8.14 32.67 -7.46
C GLY D 144 7.14 32.88 -6.33
N LEU D 145 6.98 31.86 -5.50
CA LEU D 145 6.08 31.90 -4.34
C LEU D 145 6.71 32.59 -3.10
N ALA D 146 5.85 33.19 -2.29
CA ALA D 146 6.29 34.01 -1.16
C ALA D 146 6.60 33.15 0.07
N ALA D 147 6.32 31.84 0.03
CA ALA D 147 6.59 30.98 1.19
C ALA D 147 8.12 30.73 1.28
N SER D 148 8.57 30.19 2.40
CA SER D 148 9.99 29.90 2.62
C SER D 148 10.12 28.57 3.31
N LEU D 149 11.21 27.84 3.04
CA LEU D 149 11.60 26.65 3.81
C LEU D 149 12.65 26.96 4.90
N ALA D 150 12.94 28.23 5.10
CA ALA D 150 14.02 28.65 5.99
C ALA D 150 13.43 29.73 6.86
N GLY D 151 14.05 29.95 8.00
CA GLY D 151 13.80 31.18 8.74
C GLY D 151 12.63 31.05 9.66
N PRO D 152 12.31 32.13 10.38
CA PRO D 152 11.21 32.04 11.35
C PRO D 152 9.84 31.75 10.73
N HIS D 153 9.68 32.04 9.44
CA HIS D 153 8.43 31.79 8.80
C HIS D 153 8.44 30.56 7.90
N SER D 154 9.32 29.62 8.21
CA SER D 154 9.42 28.40 7.45
C SER D 154 8.11 27.62 7.48
N ILE D 155 7.74 27.03 6.35
CA ILE D 155 6.57 26.19 6.22
C ILE D 155 6.93 24.72 6.47
N VAL D 156 8.22 24.45 6.74
CA VAL D 156 8.58 23.07 7.10
C VAL D 156 7.89 22.64 8.43
N GLY D 157 7.27 21.46 8.41
CA GLY D 157 6.52 21.01 9.55
C GLY D 157 5.09 21.51 9.61
N ARG D 158 4.69 22.34 8.63
CA ARG D 158 3.32 22.81 8.56
C ARG D 158 2.55 21.95 7.54
N ALA D 159 1.31 22.32 7.21
CA ALA D 159 0.44 21.44 6.38
C ALA D 159 0.18 22.09 5.03
N VAL D 160 0.18 21.30 3.97
CA VAL D 160 -0.42 21.72 2.68
C VAL D 160 -1.80 21.12 2.65
N VAL D 161 -2.79 21.93 2.27
CA VAL D 161 -4.19 21.51 2.24
C VAL D 161 -4.79 21.80 0.87
N VAL D 162 -5.36 20.76 0.29
CA VAL D 162 -6.04 20.84 -0.97
C VAL D 162 -7.55 20.91 -0.71
N HIS D 163 -8.22 21.91 -1.31
CA HIS D 163 -9.65 22.15 -1.12
C HIS D 163 -10.49 21.67 -2.24
N ALA D 164 -11.78 21.50 -1.92
CA ALA D 164 -12.80 21.13 -2.88
C ALA D 164 -13.20 22.28 -3.79
N GLY D 165 -13.01 23.52 -3.32
CA GLY D 165 -13.41 24.67 -4.09
C GLY D 165 -12.34 25.58 -4.59
N GLU D 166 -12.83 26.60 -5.30
CA GLU D 166 -12.01 27.61 -5.86
C GLU D 166 -11.84 28.71 -4.81
N ASP D 167 -10.63 29.25 -4.74
CA ASP D 167 -10.28 30.39 -3.92
C ASP D 167 -10.75 31.68 -4.61
N ASP D 168 -11.61 32.46 -3.94
CA ASP D 168 -12.14 33.71 -4.52
C ASP D 168 -11.15 34.89 -4.33
N LEU D 169 -10.02 34.60 -3.68
CA LEU D 169 -8.86 35.50 -3.62
C LEU D 169 -9.18 36.82 -2.91
N GLY D 170 -10.04 36.74 -1.90
CA GLY D 170 -10.51 37.92 -1.14
C GLY D 170 -11.57 38.79 -1.78
N ARG D 171 -12.24 38.28 -2.82
CA ARG D 171 -13.19 39.09 -3.60
C ARG D 171 -14.64 38.72 -3.38
N GLY D 172 -14.88 37.77 -2.49
CA GLY D 172 -16.23 37.31 -2.15
C GLY D 172 -16.85 38.27 -1.16
N GLY D 173 -18.16 38.18 -0.96
CA GLY D 173 -18.85 39.14 -0.11
C GLY D 173 -18.98 38.81 1.37
N ASN D 174 -18.23 37.83 1.87
CA ASN D 174 -18.28 37.46 3.29
C ASN D 174 -16.92 37.53 3.97
N GLN D 175 -16.92 37.26 5.27
CA GLN D 175 -15.67 37.26 6.07
C GLN D 175 -14.73 36.16 5.64
N ALA D 176 -15.28 34.99 5.39
CA ALA D 176 -14.49 33.87 4.92
C ALA D 176 -13.61 34.23 3.72
N SER D 177 -14.09 35.10 2.82
CA SER D 177 -13.37 35.41 1.59
C SER D 177 -11.97 35.94 1.92
N VAL D 178 -11.91 36.81 2.94
CA VAL D 178 -10.64 37.40 3.35
C VAL D 178 -9.96 36.60 4.49
N GLU D 179 -10.41 35.37 4.74
CA GLU D 179 -9.72 34.41 5.63
C GLU D 179 -9.23 33.19 4.85
N ASN D 180 -10.08 32.63 3.99
CA ASN D 180 -9.68 31.43 3.27
C ASN D 180 -10.14 31.38 1.80
N GLY D 181 -10.70 32.47 1.31
CA GLY D 181 -11.10 32.54 -0.04
C GLY D 181 -12.33 31.71 -0.31
N ASN D 182 -13.08 31.29 0.72
CA ASN D 182 -14.29 30.46 0.47
C ASN D 182 -13.96 29.19 -0.27
N ALA D 183 -12.78 28.66 0.01
CA ALA D 183 -12.24 27.55 -0.73
C ALA D 183 -12.92 26.22 -0.39
N GLY D 184 -13.79 26.19 0.62
CA GLY D 184 -14.62 25.00 0.85
C GLY D 184 -13.90 23.91 1.61
N ARG D 185 -14.40 22.70 1.47
CA ARG D 185 -13.96 21.66 2.34
C ARG D 185 -12.53 21.26 2.07
N ARG D 186 -11.87 20.78 3.11
CA ARG D 186 -10.48 20.29 3.06
C ARG D 186 -10.46 18.82 2.64
N LEU D 187 -9.99 18.53 1.42
CA LEU D 187 -10.07 17.21 0.84
C LEU D 187 -8.86 16.33 1.23
N ALA D 188 -7.68 16.94 1.19
CA ALA D 188 -6.41 16.18 1.33
C ALA D 188 -5.31 17.07 1.83
N CYS D 189 -4.33 16.47 2.49
CA CYS D 189 -3.27 17.22 3.11
C CYS D 189 -2.07 16.37 3.44
N CYS D 190 -1.07 17.07 3.92
CA CYS D 190 0.22 16.43 4.29
C CYS D 190 1.05 17.40 5.11
N VAL D 191 2.02 16.82 5.83
CA VAL D 191 3.01 17.61 6.56
C VAL D 191 4.23 17.85 5.67
N VAL D 192 4.71 19.09 5.61
CA VAL D 192 5.82 19.50 4.76
C VAL D 192 7.11 18.98 5.43
N GLY D 193 7.77 18.08 4.74
CA GLY D 193 9.03 17.52 5.20
C GLY D 193 10.29 17.89 4.44
N VAL D 194 11.39 17.93 5.17
CA VAL D 194 12.70 18.12 4.60
C VAL D 194 13.01 16.91 3.71
N CYS D 195 13.49 17.19 2.50
CA CYS D 195 13.87 16.09 1.62
C CYS D 195 15.19 16.37 0.89
N GLY D 196 15.69 15.35 0.19
CA GLY D 196 16.94 15.51 -0.54
C GLY D 196 16.62 16.08 -1.92
N PRO D 197 17.65 16.31 -2.76
CA PRO D 197 17.40 16.89 -4.10
C PRO D 197 16.74 15.95 -5.11
N GLY D 198 16.65 14.64 -4.84
CA GLY D 198 16.34 13.72 -5.91
C GLY D 198 14.94 13.77 -6.48
N LEU D 199 13.93 13.97 -5.63
CA LEU D 199 12.54 14.08 -6.10
C LEU D 199 12.44 15.18 -7.15
N TRP D 200 12.94 16.35 -6.80
CA TRP D 200 12.91 17.52 -7.69
C TRP D 200 13.69 17.31 -8.98
N GLU D 201 14.94 16.81 -8.84
CA GLU D 201 15.82 16.51 -9.98
CA GLU D 201 15.80 16.54 -9.99
C GLU D 201 15.12 15.55 -10.94
N ARG D 202 14.55 14.48 -10.39
CA ARG D 202 13.88 13.45 -11.22
C ARG D 202 12.72 14.04 -11.93
N GLN D 203 11.94 14.87 -11.23
CA GLN D 203 10.76 15.46 -11.83
C GLN D 203 11.13 16.46 -12.91
N ALA D 204 12.20 17.21 -12.67
CA ALA D 204 12.75 18.13 -13.67
C ALA D 204 13.24 17.40 -14.94
N ARG D 205 13.66 16.14 -14.83
CA ARG D 205 14.02 15.36 -16.06
C ARG D 205 12.80 15.04 -16.90
CU CU E . 8.24 -24.56 -6.47
CU CU E . 8.64 -25.62 -6.10
ZN ZN F . 8.66 -29.82 -10.52
CU CU G . -17.50 -5.20 -7.63
CU CU G . -17.62 -4.61 -8.09
ZN ZN H . -22.76 -7.15 -11.77
S SCN I . -18.15 -2.68 -9.40
S SCN I . -17.10 -1.19 -10.20
C SCN I . -17.61 -1.70 -10.84
C SCN I . -17.41 -1.59 -11.94
N SCN I . -17.23 -1.08 -11.78
N SCN I . -17.33 -2.23 -13.01
CU CU J . 15.18 3.86 12.11
CU CU J . 15.78 3.57 11.64
ZN ZN K . 21.11 6.28 15.00
S SCN L . 17.54 2.46 10.57
S SCN L . 17.71 1.73 9.06
C SCN L . 18.36 2.42 8.94
C SCN L . 18.99 2.84 8.44
N SCN L . 18.83 2.45 7.85
N SCN L . 19.50 3.88 7.99
CU CU M . -6.36 25.94 2.56
CU CU M . -7.14 26.53 3.23
ZN ZN N . -4.83 32.43 2.92
#